data_4X8E
#
_entry.id   4X8E
#
_cell.length_a   135.241
_cell.length_b   135.241
_cell.length_c   142.043
_cell.angle_alpha   90.000
_cell.angle_beta   90.000
_cell.angle_gamma   90.000
#
_symmetry.space_group_name_H-M   'P 43 21 2'
#
loop_
_entity.id
_entity.type
_entity.pdbx_description
1 polymer 'Sulfoxide synthase EgtB'
2 non-polymer N,N,N-trimethyl-histidine
3 non-polymer GLYCEROL
4 non-polymer 'CHLORIDE ION'
5 non-polymer 'FE (III) ION'
6 non-polymer 'CALCIUM ION'
7 non-polymer 'MAGNESIUM ION'
8 water water
#
_entity_poly.entity_id   1
_entity_poly.type   'polypeptide(L)'
_entity_poly.pdbx_seq_one_letter_code
;GHMGVAVPHRAELARQLIDARNRTLRLVDFDDAELRRQYDPLMSPLVWDLAHIGQQEELWLLRGGDPRRPGLLEPAVEQL
YDAFVHPRASRVHLPLLSPAQARRFCATVRSAVLDALDRLPEDADTFAFGMVVSHEHQHDETMLQALNLRSGEPLLGSGT
ALPPGRPGVAGTSVLVPGGPFVLGVDLADEPYALDNERPAHVVDVPAFRIGRVPVTNAEWRAFIDDGGYRQRRWWSDAGW
AYRCEAGLTAPQFWNPDGTRTRFGHVEDIPPDEPVQHVTYFEAEAYAAWAGARLPTEIEWEKACAWDPATGRRRRYPWGD
AAPTAALANLGGDALRPAPVGAYPAGASACGAEQMLGDVWEWTSSPLRPWPGFTPMIYQRYSQPFFEGAGSGDYRVLRGG
SWAVAADILRPSFRNWDHPIRRQIFAGVRLAWDVDRQTARPGPVGGC
;
_entity_poly.pdbx_strand_id   A,B
#
loop_
_chem_comp.id
_chem_comp.type
_chem_comp.name
_chem_comp.formula
AVJ non-polymer N,N,N-trimethyl-histidine 'C9 H16 N3 O2 1'
CA non-polymer 'CALCIUM ION' 'Ca 2'
CL non-polymer 'CHLORIDE ION' 'Cl -1'
FE non-polymer 'FE (III) ION' 'Fe 3'
GOL non-polymer GLYCEROL 'C3 H8 O3'
MG non-polymer 'MAGNESIUM ION' 'Mg 2'
#
# COMPACT_ATOMS: atom_id res chain seq x y z
N PRO A 8 17.11 -11.04 0.89
CA PRO A 8 16.98 -10.68 2.28
C PRO A 8 16.03 -11.65 2.94
N HIS A 9 15.03 -11.10 3.61
CA HIS A 9 13.83 -11.86 3.78
C HIS A 9 13.27 -11.86 2.38
N ARG A 10 12.79 -13.02 1.98
CA ARG A 10 12.04 -13.15 0.77
C ARG A 10 10.84 -12.20 0.88
N ALA A 11 10.36 -11.97 2.10
CA ALA A 11 9.20 -11.11 2.29
C ALA A 11 9.55 -9.67 1.95
N GLU A 12 10.77 -9.25 2.28
CA GLU A 12 11.25 -7.91 1.91
C GLU A 12 11.37 -7.75 0.40
N LEU A 13 11.89 -8.77 -0.29
CA LEU A 13 11.96 -8.74 -1.75
C LEU A 13 10.57 -8.65 -2.37
N ALA A 14 9.63 -9.43 -1.85
CA ALA A 14 8.28 -9.35 -2.34
C ALA A 14 7.74 -7.95 -2.16
N ARG A 15 7.96 -7.38 -0.97
CA ARG A 15 7.53 -6.02 -0.68
CA ARG A 15 7.51 -6.03 -0.69
C ARG A 15 8.13 -5.06 -1.71
N GLN A 16 9.41 -5.22 -2.02
CA GLN A 16 10.04 -4.32 -2.98
C GLN A 16 9.51 -4.49 -4.39
N LEU A 17 9.29 -5.72 -4.81
CA LEU A 17 8.68 -5.95 -6.11
C LEU A 17 7.25 -5.36 -6.18
N ILE A 18 6.47 -5.55 -5.12
CA ILE A 18 5.11 -5.02 -5.09
C ILE A 18 5.12 -3.49 -5.12
N ASP A 19 6.01 -2.87 -4.37
CA ASP A 19 6.14 -1.41 -4.37
C ASP A 19 6.51 -0.89 -5.75
N ALA A 20 7.45 -1.56 -6.41
CA ALA A 20 7.84 -1.14 -7.76
C ALA A 20 6.64 -1.24 -8.72
N ARG A 21 5.91 -2.34 -8.66
CA ARG A 21 4.77 -2.53 -9.56
C ARG A 21 3.66 -1.53 -9.23
N ASN A 22 3.46 -1.21 -7.97
CA ASN A 22 2.47 -0.18 -7.60
C ASN A 22 2.82 1.13 -8.28
N ARG A 23 4.11 1.43 -8.31
CA ARG A 23 4.59 2.66 -8.92
C ARG A 23 4.34 2.69 -10.42
N THR A 24 4.73 1.61 -11.09
CA THR A 24 4.46 1.42 -12.51
C THR A 24 2.98 1.58 -12.83
N LEU A 25 2.12 0.97 -12.01
CA LEU A 25 0.71 1.03 -12.32
C LEU A 25 0.13 2.42 -12.08
N ARG A 26 0.68 3.22 -11.15
CA ARG A 26 0.28 4.63 -11.02
C ARG A 26 0.66 5.37 -12.30
N LEU A 27 1.84 5.09 -12.79
CA LEU A 27 2.37 5.81 -13.96
C LEU A 27 1.64 5.45 -15.25
N VAL A 28 0.88 4.35 -15.27
CA VAL A 28 0.09 4.03 -16.44
C VAL A 28 -1.42 4.05 -16.15
N ASP A 29 -1.81 4.72 -15.06
CA ASP A 29 -3.22 4.82 -14.70
C ASP A 29 -3.90 5.96 -15.46
N PHE A 30 -3.90 5.80 -16.79
CA PHE A 30 -4.46 6.77 -17.71
C PHE A 30 -5.20 6.02 -18.81
N ASP A 31 -5.97 6.72 -19.61
CA ASP A 31 -6.70 6.14 -20.73
CA ASP A 31 -6.70 6.14 -20.73
CA ASP A 31 -6.71 6.02 -20.64
C ASP A 31 -5.76 5.43 -21.68
N ASP A 32 -6.27 4.43 -22.39
CA ASP A 32 -5.42 3.69 -23.34
C ASP A 32 -4.74 4.59 -24.37
N ALA A 33 -5.48 5.59 -24.87
CA ALA A 33 -4.91 6.50 -25.86
C ALA A 33 -3.69 7.23 -25.32
N GLU A 34 -3.71 7.61 -24.04
CA GLU A 34 -2.55 8.25 -23.42
C GLU A 34 -1.34 7.32 -23.46
N LEU A 35 -1.57 6.05 -23.15
CA LEU A 35 -0.47 5.11 -23.01
C LEU A 35 0.14 4.77 -24.37
N ARG A 36 -0.62 4.99 -25.43
CA ARG A 36 -0.15 4.69 -26.79
C ARG A 36 0.51 5.90 -27.45
N ARG A 37 0.38 7.09 -26.85
CA ARG A 37 0.93 8.30 -27.44
C ARG A 37 2.46 8.29 -27.41
N GLN A 38 3.06 8.92 -28.41
CA GLN A 38 4.47 9.30 -28.31
C GLN A 38 4.57 10.74 -27.83
N TYR A 39 5.02 10.91 -26.61
CA TYR A 39 5.06 12.26 -26.03
C TYR A 39 6.18 13.08 -26.65
N ASP A 40 7.23 12.39 -27.09
CA ASP A 40 8.38 13.01 -27.71
C ASP A 40 9.12 11.86 -28.41
N PRO A 41 9.69 12.08 -29.59
CA PRO A 41 10.39 11.01 -30.31
C PRO A 41 11.54 10.39 -29.54
N LEU A 42 12.04 11.08 -28.51
CA LEU A 42 13.03 10.46 -27.64
C LEU A 42 12.52 9.32 -26.80
N MET A 43 11.20 9.25 -26.65
CA MET A 43 10.60 8.39 -25.62
C MET A 43 9.68 7.33 -26.21
N SER A 44 9.70 6.15 -25.59
CA SER A 44 8.71 5.10 -25.90
C SER A 44 7.32 5.55 -25.47
N PRO A 45 6.27 5.00 -26.10
CA PRO A 45 4.95 5.16 -25.48
C PRO A 45 4.95 4.44 -24.14
N LEU A 46 4.18 4.93 -23.17
CA LEU A 46 4.17 4.32 -21.87
C LEU A 46 3.80 2.84 -21.92
N VAL A 47 2.93 2.43 -22.86
CA VAL A 47 2.52 1.03 -22.95
C VAL A 47 3.69 0.12 -23.36
N TRP A 48 4.72 0.69 -24.00
CA TRP A 48 5.91 -0.07 -24.32
C TRP A 48 6.67 -0.40 -23.02
N ASP A 49 6.92 0.61 -22.19
CA ASP A 49 7.63 0.34 -20.95
C ASP A 49 6.89 -0.65 -20.10
N LEU A 50 5.56 -0.53 -20.04
CA LEU A 50 4.76 -1.45 -19.24
C LEU A 50 5.03 -2.91 -19.63
N ALA A 51 4.87 -3.24 -20.91
CA ALA A 51 5.09 -4.61 -21.33
C ALA A 51 6.56 -5.04 -21.23
N HIS A 52 7.47 -4.10 -21.48
CA HIS A 52 8.90 -4.37 -21.38
C HIS A 52 9.29 -4.73 -19.95
N ILE A 53 8.73 -4.01 -18.99
CA ILE A 53 8.91 -4.34 -17.57
C ILE A 53 8.52 -5.80 -17.28
N GLY A 54 7.34 -6.22 -17.73
CA GLY A 54 6.91 -7.59 -17.52
C GLY A 54 7.77 -8.60 -18.23
N GLN A 55 8.18 -8.26 -19.45
CA GLN A 55 8.97 -9.17 -20.26
C GLN A 55 10.33 -9.43 -19.60
N GLN A 56 10.93 -8.35 -19.07
CA GLN A 56 12.21 -8.46 -18.44
C GLN A 56 12.09 -9.20 -17.12
N GLU A 57 11.02 -8.94 -16.37
CA GLU A 57 10.78 -9.69 -15.14
C GLU A 57 10.68 -11.19 -15.43
N GLU A 58 9.90 -11.52 -16.45
CA GLU A 58 9.74 -12.92 -16.87
C GLU A 58 11.09 -13.54 -17.27
N LEU A 59 11.85 -12.82 -18.07
CA LEU A 59 13.09 -13.34 -18.59
C LEU A 59 14.09 -13.63 -17.45
N TRP A 60 14.30 -12.66 -16.58
CA TRP A 60 15.36 -12.81 -15.57
C TRP A 60 14.93 -13.67 -14.38
N LEU A 61 13.63 -13.72 -14.06
CA LEU A 61 13.18 -14.45 -12.87
C LEU A 61 12.52 -15.79 -13.18
N LEU A 62 11.88 -15.94 -14.33
CA LEU A 62 11.17 -17.17 -14.64
C LEU A 62 11.88 -18.01 -15.70
N ARG A 63 12.75 -17.38 -16.48
CA ARG A 63 13.40 -18.06 -17.60
C ARG A 63 14.94 -18.08 -17.48
N GLY A 64 15.45 -17.78 -16.30
CA GLY A 64 16.89 -17.88 -16.05
C GLY A 64 17.76 -17.07 -16.99
N GLY A 65 17.18 -16.03 -17.56
CA GLY A 65 17.91 -15.20 -18.50
C GLY A 65 18.17 -15.84 -19.84
N ASP A 66 17.54 -16.99 -20.11
CA ASP A 66 17.79 -17.78 -21.33
C ASP A 66 16.60 -17.65 -22.28
N PRO A 67 16.75 -16.87 -23.37
CA PRO A 67 15.57 -16.61 -24.21
C PRO A 67 15.08 -17.86 -24.92
N ARG A 68 15.87 -18.92 -24.89
CA ARG A 68 15.49 -20.18 -25.51
C ARG A 68 14.52 -20.95 -24.61
N ARG A 69 14.43 -20.57 -23.34
CA ARG A 69 13.42 -21.15 -22.45
CA ARG A 69 13.43 -21.17 -22.46
C ARG A 69 12.09 -20.49 -22.76
N PRO A 70 11.02 -21.28 -22.85
CA PRO A 70 9.75 -20.67 -23.28
C PRO A 70 9.24 -19.54 -22.42
N GLY A 71 8.70 -18.53 -23.08
CA GLY A 71 7.98 -17.46 -22.39
C GLY A 71 6.53 -17.39 -22.84
N LEU A 72 5.75 -16.53 -22.20
CA LEU A 72 4.33 -16.42 -22.53
C LEU A 72 4.08 -15.85 -23.93
N LEU A 73 4.94 -14.94 -24.37
CA LEU A 73 4.73 -14.26 -25.67
C LEU A 73 5.42 -15.03 -26.80
N GLU A 74 4.81 -15.04 -27.98
CA GLU A 74 5.50 -15.48 -29.20
C GLU A 74 6.84 -14.76 -29.24
N PRO A 75 7.94 -15.45 -29.57
CA PRO A 75 9.22 -14.73 -29.63
C PRO A 75 9.22 -13.46 -30.49
N ALA A 76 8.55 -13.47 -31.65
CA ALA A 76 8.48 -12.25 -32.47
C ALA A 76 7.77 -11.10 -31.74
N VAL A 77 6.76 -11.43 -30.94
CA VAL A 77 6.09 -10.40 -30.12
C VAL A 77 6.99 -9.91 -28.97
N GLU A 78 7.62 -10.86 -28.29
CA GLU A 78 8.61 -10.54 -27.25
C GLU A 78 9.68 -9.56 -27.73
N GLN A 79 10.14 -9.78 -28.96
CA GLN A 79 11.26 -9.01 -29.51
C GLN A 79 10.87 -7.54 -29.73
N LEU A 80 9.57 -7.23 -29.76
CA LEU A 80 9.15 -5.82 -29.86
C LEU A 80 9.62 -5.00 -28.67
N TYR A 81 9.94 -5.70 -27.57
CA TYR A 81 10.35 -5.05 -26.32
C TYR A 81 11.85 -5.14 -26.10
N ASP A 82 12.59 -5.50 -27.14
CA ASP A 82 14.07 -5.50 -27.13
C ASP A 82 14.54 -4.11 -27.51
N ALA A 83 15.04 -3.35 -26.54
CA ALA A 83 15.47 -1.98 -26.76
C ALA A 83 16.62 -1.85 -27.74
N PHE A 84 17.41 -2.91 -27.92
CA PHE A 84 18.50 -2.86 -28.90
C PHE A 84 18.00 -2.92 -30.33
N VAL A 85 16.94 -3.67 -30.55
CA VAL A 85 16.42 -3.90 -31.88
C VAL A 85 15.63 -2.70 -32.38
N HIS A 86 14.92 -2.02 -31.48
CA HIS A 86 13.96 -0.99 -31.85
C HIS A 86 14.29 0.39 -31.27
N PRO A 87 14.74 1.32 -32.11
CA PRO A 87 15.03 2.69 -31.63
C PRO A 87 13.82 3.32 -30.98
N ARG A 88 14.08 4.17 -29.98
CA ARG A 88 12.97 4.79 -29.26
C ARG A 88 11.88 5.36 -30.14
N ALA A 89 12.25 6.12 -31.16
CA ALA A 89 11.27 6.86 -31.95
C ALA A 89 10.35 5.93 -32.70
N SER A 90 10.84 4.75 -33.02
CA SER A 90 10.08 3.79 -33.81
C SER A 90 9.00 3.07 -33.02
N ARG A 91 9.08 3.13 -31.70
CA ARG A 91 8.30 2.21 -30.88
C ARG A 91 6.82 2.54 -30.93
N VAL A 92 6.47 3.79 -31.15
CA VAL A 92 5.07 4.19 -31.18
C VAL A 92 4.31 3.51 -32.33
N HIS A 93 5.04 3.12 -33.39
CA HIS A 93 4.43 2.53 -34.58
C HIS A 93 4.45 1.02 -34.60
N LEU A 94 5.11 0.42 -33.62
CA LEU A 94 5.19 -1.04 -33.56
C LEU A 94 3.84 -1.63 -33.19
N PRO A 95 3.62 -2.88 -33.56
CA PRO A 95 2.35 -3.56 -33.26
C PRO A 95 2.34 -4.11 -31.84
N LEU A 96 2.39 -3.19 -30.89
CA LEU A 96 2.51 -3.51 -29.48
C LEU A 96 1.23 -4.13 -28.90
N LEU A 97 1.42 -4.89 -27.83
CA LEU A 97 0.31 -5.31 -26.97
C LEU A 97 -0.48 -4.10 -26.54
N SER A 98 -1.79 -4.24 -26.47
CA SER A 98 -2.63 -3.19 -25.92
C SER A 98 -2.35 -2.99 -24.44
N PRO A 99 -2.82 -1.87 -23.88
CA PRO A 99 -2.67 -1.74 -22.43
C PRO A 99 -3.33 -2.89 -21.68
N ALA A 100 -4.51 -3.32 -22.09
CA ALA A 100 -5.14 -4.41 -21.39
C ALA A 100 -4.32 -5.70 -21.47
N GLN A 101 -3.78 -5.99 -22.65
CA GLN A 101 -2.94 -7.18 -22.81
C GLN A 101 -1.67 -7.09 -21.99
N ALA A 102 -1.08 -5.89 -21.97
CA ALA A 102 0.16 -5.67 -21.26
C ALA A 102 -0.08 -5.80 -19.75
N ARG A 103 -1.18 -5.27 -19.24
CA ARG A 103 -1.46 -5.42 -17.82
CA ARG A 103 -1.50 -5.42 -17.82
C ARG A 103 -1.68 -6.89 -17.45
N ARG A 104 -2.41 -7.61 -18.31
CA ARG A 104 -2.70 -9.02 -18.06
C ARG A 104 -1.40 -9.83 -18.04
N PHE A 105 -0.54 -9.58 -19.02
CA PHE A 105 0.76 -10.23 -19.10
C PHE A 105 1.61 -9.97 -17.86
N CYS A 106 1.72 -8.70 -17.46
CA CYS A 106 2.50 -8.35 -16.29
C CYS A 106 1.97 -9.06 -15.06
N ALA A 107 0.65 -9.14 -14.93
CA ALA A 107 0.07 -9.72 -13.72
C ALA A 107 0.31 -11.24 -13.70
N THR A 108 0.19 -11.88 -14.85
CA THR A 108 0.43 -13.32 -14.92
C THR A 108 1.88 -13.64 -14.55
N VAL A 109 2.79 -12.87 -15.11
CA VAL A 109 4.21 -13.00 -14.77
C VAL A 109 4.45 -12.80 -13.27
N ARG A 110 3.83 -11.76 -12.72
CA ARG A 110 4.04 -11.41 -11.31
C ARG A 110 3.53 -12.51 -10.40
N SER A 111 2.38 -13.09 -10.72
CA SER A 111 1.85 -14.17 -9.89
C SER A 111 2.87 -15.32 -9.85
N ALA A 112 3.46 -15.63 -10.99
CA ALA A 112 4.43 -16.72 -11.07
C ALA A 112 5.73 -16.37 -10.36
N VAL A 113 6.11 -15.10 -10.41
CA VAL A 113 7.33 -14.64 -9.75
C VAL A 113 7.17 -14.73 -8.22
N LEU A 114 5.99 -14.33 -7.71
CA LEU A 114 5.77 -14.39 -6.26
C LEU A 114 5.74 -15.85 -5.79
N ASP A 115 5.22 -16.75 -6.61
CA ASP A 115 5.23 -18.16 -6.27
CA ASP A 115 5.23 -18.16 -6.28
C ASP A 115 6.67 -18.69 -6.30
N ALA A 116 7.44 -18.30 -7.32
CA ALA A 116 8.82 -18.75 -7.44
C ALA A 116 9.64 -18.32 -6.24
N LEU A 117 9.36 -17.11 -5.76
CA LEU A 117 10.11 -16.58 -4.63
C LEU A 117 9.78 -17.36 -3.38
N ASP A 118 8.51 -17.74 -3.21
CA ASP A 118 8.08 -18.63 -2.13
C ASP A 118 8.88 -19.93 -2.12
N ARG A 119 9.07 -20.48 -3.31
CA ARG A 119 9.57 -21.85 -3.44
C ARG A 119 11.08 -21.99 -3.45
N LEU A 120 11.82 -20.88 -3.52
CA LEU A 120 13.29 -20.95 -3.50
C LEU A 120 13.83 -21.68 -2.28
N PRO A 121 14.82 -22.57 -2.47
CA PRO A 121 15.44 -23.22 -1.30
C PRO A 121 16.01 -22.21 -0.32
N GLU A 122 16.20 -22.62 0.93
CA GLU A 122 16.81 -21.76 1.93
C GLU A 122 18.21 -21.34 1.48
N ASP A 123 18.56 -20.09 1.74
CA ASP A 123 19.90 -19.58 1.44
C ASP A 123 20.19 -19.53 -0.07
N ALA A 124 19.18 -19.76 -0.91
CA ALA A 124 19.35 -19.64 -2.36
C ALA A 124 19.71 -18.20 -2.76
N ASP A 125 20.40 -18.04 -3.89
CA ASP A 125 20.80 -16.70 -4.36
C ASP A 125 19.59 -15.97 -4.89
N THR A 126 19.46 -14.72 -4.51
CA THR A 126 18.31 -13.93 -4.92
C THR A 126 18.70 -12.70 -5.70
N PHE A 127 19.95 -12.64 -6.19
CA PHE A 127 20.43 -11.44 -6.85
C PHE A 127 19.47 -10.94 -7.94
N ALA A 128 19.01 -11.84 -8.79
CA ALA A 128 18.19 -11.44 -9.93
C ALA A 128 16.91 -10.72 -9.50
N PHE A 129 16.36 -11.08 -8.34
CA PHE A 129 15.15 -10.41 -7.85
C PHE A 129 15.44 -8.93 -7.55
N GLY A 130 16.55 -8.63 -6.88
CA GLY A 130 16.91 -7.24 -6.65
C GLY A 130 17.25 -6.49 -7.95
N MET A 131 17.86 -7.22 -8.90
CA MET A 131 18.19 -6.62 -10.19
C MET A 131 16.93 -6.20 -10.93
N VAL A 132 15.90 -7.02 -10.84
CA VAL A 132 14.62 -6.71 -11.47
C VAL A 132 13.90 -5.56 -10.76
N VAL A 133 13.95 -5.50 -9.42
CA VAL A 133 13.43 -4.32 -8.72
C VAL A 133 14.10 -3.04 -9.25
N SER A 134 15.41 -3.06 -9.39
CA SER A 134 16.15 -1.94 -9.96
C SER A 134 15.69 -1.61 -11.38
N HIS A 135 15.57 -2.64 -12.19
CA HIS A 135 15.14 -2.47 -13.58
C HIS A 135 13.76 -1.77 -13.68
N GLU A 136 12.79 -2.23 -12.89
CA GLU A 136 11.45 -1.66 -12.97
C GLU A 136 11.49 -0.20 -12.52
N HIS A 137 12.14 0.07 -11.39
CA HIS A 137 12.21 1.45 -10.93
C HIS A 137 12.92 2.38 -11.93
N GLN A 138 13.95 1.90 -12.61
CA GLN A 138 14.61 2.72 -13.61
C GLN A 138 13.67 3.03 -14.78
N HIS A 139 12.87 2.06 -15.21
CA HIS A 139 11.87 2.37 -16.24
C HIS A 139 10.81 3.31 -15.68
N ASP A 140 10.51 3.23 -14.38
CA ASP A 140 9.58 4.22 -13.79
C ASP A 140 10.11 5.64 -13.94
N GLU A 141 11.42 5.81 -13.72
CA GLU A 141 12.01 7.14 -13.94
C GLU A 141 11.95 7.52 -15.42
N THR A 142 12.18 6.58 -16.34
CA THR A 142 12.01 6.86 -17.76
C THR A 142 10.59 7.32 -18.08
N MET A 143 9.59 6.64 -17.51
CA MET A 143 8.23 7.03 -17.75
C MET A 143 7.94 8.44 -17.22
N LEU A 144 8.52 8.78 -16.08
CA LEU A 144 8.40 10.15 -15.59
C LEU A 144 9.01 11.16 -16.54
N GLN A 145 10.16 10.83 -17.14
CA GLN A 145 10.75 11.73 -18.15
C GLN A 145 9.78 11.97 -19.27
N ALA A 146 9.11 10.91 -19.72
CA ALA A 146 8.16 10.98 -20.81
C ALA A 146 6.96 11.87 -20.42
N LEU A 147 6.40 11.63 -19.25
CA LEU A 147 5.29 12.44 -18.77
C LEU A 147 5.68 13.90 -18.61
N ASN A 148 6.91 14.19 -18.27
CA ASN A 148 7.37 15.58 -18.18
C ASN A 148 7.48 16.24 -19.56
N LEU A 149 7.79 15.45 -20.58
CA LEU A 149 7.86 15.94 -21.96
C LEU A 149 6.49 16.16 -22.59
N ARG A 150 5.47 15.44 -22.10
CA ARG A 150 4.14 15.51 -22.67
C ARG A 150 3.61 16.93 -22.74
N SER A 151 3.15 17.30 -23.91
CA SER A 151 2.46 18.58 -24.10
CA SER A 151 2.47 18.58 -24.07
C SER A 151 0.99 18.43 -23.72
N GLY A 152 0.48 19.40 -22.98
CA GLY A 152 -0.92 19.44 -22.62
C GLY A 152 -1.16 19.66 -21.15
N GLU A 153 -2.44 19.76 -20.78
CA GLU A 153 -2.82 19.95 -19.39
C GLU A 153 -2.26 18.82 -18.52
N PRO A 154 -1.82 19.14 -17.30
CA PRO A 154 -1.14 18.14 -16.47
C PRO A 154 -1.98 16.89 -16.21
N LEU A 155 -1.30 15.75 -16.19
CA LEU A 155 -1.87 14.49 -15.73
C LEU A 155 -1.51 14.24 -14.27
N LEU A 156 -0.30 14.65 -13.86
CA LEU A 156 0.14 14.51 -12.48
C LEU A 156 -0.05 15.84 -11.72
N GLY A 157 -0.05 15.76 -10.39
CA GLY A 157 -0.05 16.95 -9.55
C GLY A 157 1.27 17.68 -9.59
N SER A 158 1.44 18.67 -8.73
CA SER A 158 2.66 19.48 -8.77
CA SER A 158 2.65 19.49 -8.74
C SER A 158 3.73 18.97 -7.82
N GLY A 159 3.39 17.97 -7.00
CA GLY A 159 4.42 17.34 -6.16
C GLY A 159 4.23 17.56 -4.65
N THR A 160 4.75 16.64 -3.87
CA THR A 160 4.65 16.74 -2.41
C THR A 160 5.57 17.79 -1.80
N ALA A 161 5.31 18.13 -0.54
CA ALA A 161 6.09 19.17 0.13
C ALA A 161 7.54 18.76 0.30
N LEU A 162 8.41 19.75 0.21
CA LEU A 162 9.83 19.56 0.50
C LEU A 162 10.29 20.54 1.57
N PRO A 163 11.41 20.22 2.22
CA PRO A 163 11.94 21.16 3.23
C PRO A 163 12.46 22.42 2.57
N PRO A 164 12.57 23.49 3.36
CA PRO A 164 13.18 24.69 2.84
C PRO A 164 14.69 24.54 2.74
N GLY A 165 15.27 25.35 1.87
CA GLY A 165 16.73 25.46 1.82
C GLY A 165 17.26 26.31 2.94
N ARG A 166 18.56 26.59 2.88
CA ARG A 166 19.15 27.49 3.87
C ARG A 166 20.29 28.27 3.25
N PRO A 167 20.62 29.43 3.85
CA PRO A 167 21.71 30.23 3.29
C PRO A 167 23.07 29.71 3.64
N GLY A 168 24.05 30.15 2.87
CA GLY A 168 25.43 29.84 3.15
C GLY A 168 26.00 28.64 2.44
N VAL A 169 25.22 27.94 1.63
CA VAL A 169 25.72 26.73 0.95
C VAL A 169 25.93 26.95 -0.55
N ALA A 170 25.06 27.72 -1.20
CA ALA A 170 25.18 27.90 -2.64
C ALA A 170 26.53 28.47 -3.02
N GLY A 171 27.12 27.91 -4.08
N GLY A 171 27.10 27.96 -4.09
CA GLY A 171 28.40 28.39 -4.64
CA GLY A 171 28.35 28.51 -4.58
C GLY A 171 29.67 27.87 -3.95
C GLY A 171 29.49 28.44 -3.58
N THR A 172 29.50 27.43 -2.71
CA THR A 172 30.64 27.10 -1.89
C THR A 172 31.13 25.69 -2.21
N SER A 173 32.32 25.39 -1.74
CA SER A 173 32.93 24.09 -1.97
C SER A 173 33.49 23.49 -0.70
N VAL A 174 33.75 22.17 -0.78
CA VAL A 174 34.39 21.44 0.28
C VAL A 174 35.60 20.69 -0.28
N LEU A 175 36.61 20.58 0.57
CA LEU A 175 37.87 19.91 0.25
C LEU A 175 37.72 18.40 0.43
N VAL A 176 38.24 17.64 -0.54
CA VAL A 176 38.31 16.18 -0.46
C VAL A 176 39.78 15.79 -0.43
N PRO A 177 40.37 15.61 0.77
CA PRO A 177 41.82 15.40 0.88
C PRO A 177 42.31 14.21 0.02
N GLY A 178 43.51 14.38 -0.54
CA GLY A 178 44.02 13.42 -1.48
C GLY A 178 44.45 12.11 -0.85
N GLY A 179 44.41 11.06 -1.66
CA GLY A 179 44.98 9.80 -1.26
C GLY A 179 44.14 8.63 -1.72
N PRO A 180 44.55 7.43 -1.32
CA PRO A 180 43.81 6.23 -1.71
C PRO A 180 42.42 6.18 -1.11
N PHE A 181 41.49 5.64 -1.87
CA PHE A 181 40.19 5.30 -1.32
C PHE A 181 39.64 4.09 -2.04
N VAL A 182 38.60 3.48 -1.45
CA VAL A 182 38.02 2.30 -2.04
C VAL A 182 36.83 2.72 -2.92
N LEU A 183 37.00 2.47 -4.22
CA LEU A 183 35.99 2.71 -5.26
C LEU A 183 35.21 1.42 -5.50
N GLY A 184 33.88 1.53 -5.67
CA GLY A 184 33.08 0.37 -5.94
C GLY A 184 32.75 -0.43 -4.70
N VAL A 185 32.00 -1.50 -4.92
CA VAL A 185 31.55 -2.36 -3.82
C VAL A 185 31.60 -3.83 -4.23
N ASP A 186 31.56 -4.68 -3.22
CA ASP A 186 31.45 -6.13 -3.42
C ASP A 186 30.04 -6.59 -2.99
N LEU A 187 29.59 -7.70 -3.57
CA LEU A 187 28.29 -8.24 -3.23
C LEU A 187 28.17 -8.59 -1.76
N ALA A 188 29.29 -8.91 -1.12
CA ALA A 188 29.27 -9.23 0.30
C ALA A 188 28.71 -8.09 1.13
N ASP A 189 28.97 -6.85 0.67
CA ASP A 189 28.51 -5.67 1.35
C ASP A 189 27.23 -5.08 0.78
N GLU A 190 27.05 -5.24 -0.53
CA GLU A 190 25.86 -4.71 -1.23
C GLU A 190 25.35 -5.84 -2.12
N PRO A 191 24.47 -6.68 -1.57
CA PRO A 191 24.06 -7.88 -2.27
C PRO A 191 23.31 -7.65 -3.58
N TYR A 192 22.82 -6.44 -3.83
CA TYR A 192 22.14 -6.15 -5.09
C TYR A 192 22.79 -5.07 -5.90
N ALA A 193 24.10 -4.86 -5.66
CA ALA A 193 24.85 -3.94 -6.50
C ALA A 193 24.93 -4.46 -7.92
N LEU A 194 24.72 -3.59 -8.88
CA LEU A 194 24.78 -3.99 -10.26
C LEU A 194 26.24 -4.19 -10.71
N ASP A 195 26.40 -4.90 -11.81
CA ASP A 195 27.73 -5.41 -12.19
C ASP A 195 28.76 -4.28 -12.36
N ASN A 196 28.34 -3.13 -12.89
CA ASN A 196 29.29 -2.06 -13.13
C ASN A 196 29.79 -1.35 -11.86
N GLU A 197 29.25 -1.71 -10.71
CA GLU A 197 29.68 -1.14 -9.41
C GLU A 197 30.78 -1.94 -8.78
N ARG A 198 31.09 -3.11 -9.35
CA ARG A 198 31.97 -4.08 -8.74
CA ARG A 198 31.97 -4.08 -8.72
C ARG A 198 33.24 -4.31 -9.56
N PRO A 199 34.34 -4.70 -8.91
CA PRO A 199 34.49 -4.95 -7.48
C PRO A 199 35.06 -3.76 -6.75
N ALA A 200 35.01 -3.81 -5.42
CA ALA A 200 35.69 -2.83 -4.61
C ALA A 200 37.19 -2.90 -4.89
N HIS A 201 37.80 -1.74 -5.12
CA HIS A 201 39.24 -1.70 -5.41
C HIS A 201 39.78 -0.33 -5.03
N VAL A 202 41.09 -0.23 -4.85
CA VAL A 202 41.67 1.03 -4.39
C VAL A 202 42.10 1.87 -5.57
N VAL A 203 41.79 3.18 -5.50
CA VAL A 203 42.26 4.17 -6.44
C VAL A 203 42.85 5.35 -5.68
N ASP A 204 43.97 5.90 -6.14
CA ASP A 204 44.53 7.12 -5.55
C ASP A 204 43.94 8.34 -6.22
N VAL A 205 43.24 9.17 -5.46
CA VAL A 205 42.62 10.36 -6.00
C VAL A 205 43.29 11.58 -5.37
N PRO A 206 43.99 12.37 -6.19
CA PRO A 206 44.59 13.61 -5.64
C PRO A 206 43.54 14.53 -5.01
N ALA A 207 44.01 15.41 -4.13
CA ALA A 207 43.14 16.40 -3.50
C ALA A 207 42.37 17.19 -4.56
N PHE A 208 41.11 17.47 -4.26
CA PHE A 208 40.30 18.30 -5.13
C PHE A 208 39.22 18.91 -4.26
N ARG A 209 38.50 19.87 -4.80
CA ARG A 209 37.33 20.40 -4.13
C ARG A 209 36.09 20.10 -4.94
N ILE A 210 34.95 19.98 -4.26
CA ILE A 210 33.69 19.70 -4.93
C ILE A 210 32.62 20.65 -4.38
N GLY A 211 31.64 20.97 -5.20
CA GLY A 211 30.58 21.86 -4.76
C GLY A 211 29.87 21.31 -3.53
N ARG A 212 29.59 22.16 -2.55
CA ARG A 212 28.85 21.75 -1.37
C ARG A 212 27.42 21.32 -1.72
N VAL A 213 26.86 22.01 -2.72
CA VAL A 213 25.54 21.73 -3.25
C VAL A 213 25.61 21.86 -4.77
N PRO A 214 24.58 21.37 -5.47
CA PRO A 214 24.56 21.57 -6.92
C PRO A 214 24.44 23.05 -7.28
N VAL A 215 24.76 23.33 -8.54
CA VAL A 215 24.48 24.61 -9.18
C VAL A 215 22.98 24.86 -9.18
N THR A 216 22.60 26.09 -8.82
CA THR A 216 21.20 26.47 -8.76
C THR A 216 20.66 27.15 -9.98
N ASN A 217 19.33 27.25 -10.03
CA ASN A 217 18.68 27.97 -11.10
C ASN A 217 19.11 29.43 -11.20
N ALA A 218 19.24 30.13 -10.08
CA ALA A 218 19.64 31.53 -10.16
C ALA A 218 21.07 31.65 -10.69
N GLU A 219 21.92 30.71 -10.29
CA GLU A 219 23.30 30.69 -10.77
C GLU A 219 23.30 30.45 -12.31
N TRP A 220 22.46 29.54 -12.77
CA TRP A 220 22.38 29.26 -14.19
C TRP A 220 21.88 30.48 -14.96
N ARG A 221 20.93 31.20 -14.36
CA ARG A 221 20.39 32.38 -15.00
C ARG A 221 21.52 33.41 -15.19
N ALA A 222 22.45 33.49 -14.23
CA ALA A 222 23.60 34.38 -14.42
C ALA A 222 24.47 34.01 -15.63
N PHE A 223 24.65 32.70 -15.87
CA PHE A 223 25.37 32.22 -17.04
C PHE A 223 24.66 32.65 -18.32
N ILE A 224 23.35 32.46 -18.36
CA ILE A 224 22.55 32.92 -19.50
C ILE A 224 22.72 34.43 -19.69
N ASP A 225 22.56 35.17 -18.60
CA ASP A 225 22.59 36.63 -18.69
C ASP A 225 23.93 37.20 -19.13
N ASP A 226 25.00 36.47 -18.84
CA ASP A 226 26.34 36.89 -19.22
C ASP A 226 26.73 36.42 -20.62
N GLY A 227 25.79 35.78 -21.32
CA GLY A 227 26.04 35.35 -22.68
C GLY A 227 26.72 34.02 -22.81
N GLY A 228 26.56 33.16 -21.80
CA GLY A 228 27.19 31.85 -21.78
C GLY A 228 26.87 30.99 -22.99
N TYR A 229 25.65 31.08 -23.51
CA TYR A 229 25.28 30.29 -24.68
C TYR A 229 25.72 30.96 -25.97
N ARG A 230 26.28 32.16 -25.86
CA ARG A 230 26.68 32.91 -27.05
C ARG A 230 28.21 32.99 -27.18
N GLN A 231 28.91 32.38 -26.24
CA GLN A 231 30.37 32.46 -26.15
C GLN A 231 31.01 31.08 -26.28
N ARG A 232 31.54 30.78 -27.46
CA ARG A 232 32.04 29.45 -27.73
C ARG A 232 33.21 29.03 -26.84
N ARG A 233 33.94 29.97 -26.24
CA ARG A 233 35.16 29.60 -25.54
C ARG A 233 34.91 28.70 -24.33
N TRP A 234 33.69 28.68 -23.80
CA TRP A 234 33.37 27.86 -22.63
C TRP A 234 33.08 26.43 -23.00
N TRP A 235 32.81 26.20 -24.29
CA TRP A 235 32.28 24.93 -24.75
C TRP A 235 33.35 24.08 -25.42
N SER A 236 33.19 22.76 -25.37
CA SER A 236 34.02 21.89 -26.19
C SER A 236 33.65 22.02 -27.67
N ASP A 237 34.51 21.55 -28.57
CA ASP A 237 34.18 21.60 -29.99
C ASP A 237 32.85 20.88 -30.24
N ALA A 238 32.70 19.68 -29.68
CA ALA A 238 31.49 18.90 -29.93
C ALA A 238 30.29 19.58 -29.26
N GLY A 239 30.54 20.17 -28.11
CA GLY A 239 29.46 20.78 -27.34
C GLY A 239 28.93 22.01 -28.04
N TRP A 240 29.84 22.83 -28.54
CA TRP A 240 29.41 24.01 -29.28
C TRP A 240 28.63 23.64 -30.55
N ALA A 241 29.13 22.64 -31.28
CA ALA A 241 28.48 22.21 -32.50
C ALA A 241 27.07 21.76 -32.16
N TYR A 242 26.92 21.04 -31.05
CA TYR A 242 25.59 20.56 -30.69
C TYR A 242 24.70 21.72 -30.23
N ARG A 243 25.26 22.63 -29.43
CA ARG A 243 24.51 23.80 -29.01
C ARG A 243 23.94 24.55 -30.20
N CYS A 244 24.75 24.68 -31.26
CA CYS A 244 24.32 25.35 -32.47
C CYS A 244 23.26 24.55 -33.23
N GLU A 245 23.48 23.25 -33.39
CA GLU A 245 22.56 22.38 -34.13
C GLU A 245 21.18 22.35 -33.46
N ALA A 246 21.20 22.22 -32.15
CA ALA A 246 19.96 22.07 -31.38
C ALA A 246 19.36 23.40 -30.95
N GLY A 247 20.08 24.50 -31.14
CA GLY A 247 19.59 25.81 -30.74
C GLY A 247 19.39 25.95 -29.23
N LEU A 248 20.35 25.46 -28.47
CA LEU A 248 20.26 25.52 -27.01
C LEU A 248 20.49 26.95 -26.54
N THR A 249 19.56 27.46 -25.73
CA THR A 249 19.71 28.81 -25.20
C THR A 249 19.43 28.92 -23.69
N ALA A 250 19.02 27.80 -23.10
CA ALA A 250 18.61 27.70 -21.71
C ALA A 250 18.34 26.23 -21.40
N PRO A 251 18.22 25.87 -20.12
CA PRO A 251 17.80 24.49 -19.82
C PRO A 251 16.47 24.17 -20.46
N GLN A 252 16.22 22.88 -20.71
CA GLN A 252 14.94 22.49 -21.25
C GLN A 252 13.85 22.87 -20.23
N PHE A 253 12.70 23.26 -20.77
CA PHE A 253 11.47 23.54 -20.04
C PHE A 253 11.46 24.95 -19.47
N TRP A 254 12.57 25.68 -19.62
CA TRP A 254 12.58 27.11 -19.29
C TRP A 254 11.95 27.90 -20.43
N ASN A 255 10.95 28.69 -20.11
CA ASN A 255 10.19 29.41 -21.12
C ASN A 255 10.69 30.82 -21.32
N PRO A 256 10.43 31.40 -22.52
CA PRO A 256 10.86 32.77 -22.79
C PRO A 256 10.41 33.77 -21.74
N ASP A 257 9.24 33.61 -21.14
CA ASP A 257 8.76 34.58 -20.15
C ASP A 257 9.30 34.37 -18.73
N GLY A 258 10.26 33.47 -18.54
CA GLY A 258 10.86 33.30 -17.23
C GLY A 258 10.25 32.23 -16.32
N THR A 259 9.15 31.64 -16.77
CA THR A 259 8.57 30.48 -16.10
C THR A 259 9.24 29.20 -16.60
N ARG A 260 8.90 28.07 -15.97
CA ARG A 260 9.21 26.78 -16.56
C ARG A 260 7.90 25.97 -16.62
N THR A 261 7.95 24.86 -17.35
CA THR A 261 6.82 23.96 -17.45
C THR A 261 7.29 22.61 -16.95
N ARG A 262 6.71 22.17 -15.85
CA ARG A 262 7.15 20.99 -15.13
C ARG A 262 5.96 20.04 -14.98
N PHE A 263 6.05 18.86 -15.58
CA PHE A 263 4.90 17.96 -15.71
C PHE A 263 3.64 18.69 -16.14
N GLY A 264 3.82 19.61 -17.09
CA GLY A 264 2.71 20.37 -17.66
C GLY A 264 2.30 21.58 -16.86
N HIS A 265 2.82 21.73 -15.65
CA HIS A 265 2.52 22.88 -14.78
C HIS A 265 3.41 24.07 -15.11
N VAL A 266 2.80 25.20 -15.47
CA VAL A 266 3.56 26.42 -15.71
C VAL A 266 3.73 27.12 -14.38
N GLU A 267 4.98 27.41 -14.02
CA GLU A 267 5.28 27.95 -12.71
C GLU A 267 6.53 28.81 -12.76
N ASP A 268 6.71 29.63 -11.73
CA ASP A 268 7.96 30.40 -11.63
C ASP A 268 9.11 29.42 -11.40
N ILE A 269 10.29 29.82 -11.86
CA ILE A 269 11.48 29.00 -11.67
C ILE A 269 12.08 29.30 -10.27
N PRO A 270 12.11 28.31 -9.36
CA PRO A 270 12.59 28.61 -8.01
C PRO A 270 14.09 28.87 -8.04
N PRO A 271 14.53 29.98 -7.46
CA PRO A 271 15.94 30.35 -7.65
C PRO A 271 16.95 29.39 -7.03
N ASP A 272 16.58 28.77 -5.92
CA ASP A 272 17.53 28.00 -5.13
C ASP A 272 17.45 26.48 -5.35
N GLU A 273 16.57 26.02 -6.26
CA GLU A 273 16.61 24.62 -6.67
C GLU A 273 17.84 24.36 -7.51
N PRO A 274 18.44 23.18 -7.39
CA PRO A 274 19.40 22.72 -8.41
C PRO A 274 18.84 22.89 -9.81
N VAL A 275 19.67 23.40 -10.70
CA VAL A 275 19.29 23.43 -12.10
C VAL A 275 19.09 22.00 -12.59
N GLN A 276 18.15 21.88 -13.51
CA GLN A 276 17.74 20.58 -14.01
C GLN A 276 17.55 20.65 -15.52
N HIS A 277 17.69 19.52 -16.22
CA HIS A 277 17.48 19.39 -17.65
C HIS A 277 18.47 20.21 -18.46
N VAL A 278 19.74 20.00 -18.12
CA VAL A 278 20.85 20.49 -18.94
C VAL A 278 21.66 19.30 -19.49
N THR A 279 22.14 19.47 -20.71
CA THR A 279 23.04 18.49 -21.33
C THR A 279 24.38 18.47 -20.62
N TYR A 280 25.15 17.43 -20.89
CA TYR A 280 26.54 17.37 -20.47
C TYR A 280 27.33 18.55 -21.00
N PHE A 281 27.08 18.90 -22.26
CA PHE A 281 27.79 19.99 -22.91
C PHE A 281 27.51 21.35 -22.24
N GLU A 282 26.25 21.60 -21.89
CA GLU A 282 25.88 22.77 -21.08
C GLU A 282 26.57 22.74 -19.72
N ALA A 283 26.54 21.58 -19.06
CA ALA A 283 27.18 21.46 -17.74
C ALA A 283 28.66 21.83 -17.80
N GLU A 284 29.37 21.30 -18.80
CA GLU A 284 30.82 21.56 -18.83
C GLU A 284 31.08 23.03 -19.22
N ALA A 285 30.19 23.64 -20.00
CA ALA A 285 30.36 25.05 -20.38
C ALA A 285 30.10 25.97 -19.20
N TYR A 286 29.04 25.69 -18.44
CA TYR A 286 28.75 26.45 -17.22
C TYR A 286 29.98 26.35 -16.28
N ALA A 287 30.46 25.13 -16.10
CA ALA A 287 31.56 24.94 -15.16
C ALA A 287 32.79 25.75 -15.58
N ALA A 288 33.13 25.76 -16.88
CA ALA A 288 34.27 26.55 -17.34
C ALA A 288 34.04 28.05 -17.09
N TRP A 289 32.85 28.51 -17.43
CA TRP A 289 32.50 29.93 -17.25
C TRP A 289 32.61 30.31 -15.78
N ALA A 290 32.23 29.39 -14.88
CA ALA A 290 32.26 29.65 -13.46
C ALA A 290 33.63 29.55 -12.82
N GLY A 291 34.65 29.13 -13.58
CA GLY A 291 36.01 28.98 -13.07
C GLY A 291 36.34 27.59 -12.53
N ALA A 292 35.51 26.63 -12.88
CA ALA A 292 35.56 25.28 -12.33
C ALA A 292 35.65 24.23 -13.46
N ARG A 293 35.30 23.01 -13.14
CA ARG A 293 35.21 21.91 -14.09
C ARG A 293 34.18 20.93 -13.55
N LEU A 294 33.87 19.88 -14.32
CA LEU A 294 33.08 18.80 -13.80
C LEU A 294 33.96 17.83 -13.01
N PRO A 295 33.37 17.14 -12.02
CA PRO A 295 34.11 16.08 -11.37
C PRO A 295 34.21 14.87 -12.27
N THR A 296 35.24 14.06 -12.06
CA THR A 296 35.18 12.70 -12.56
C THR A 296 34.23 11.89 -11.67
N GLU A 297 33.80 10.71 -12.14
CA GLU A 297 32.87 9.95 -11.30
C GLU A 297 33.61 9.36 -10.10
N ILE A 298 34.93 9.19 -10.24
CA ILE A 298 35.76 8.63 -9.17
C ILE A 298 35.90 9.68 -8.06
N GLU A 299 36.18 10.92 -8.45
CA GLU A 299 36.12 12.03 -7.51
C GLU A 299 34.74 12.11 -6.83
N TRP A 300 33.67 12.02 -7.64
CA TRP A 300 32.33 12.13 -7.10
C TRP A 300 32.11 11.05 -6.03
N GLU A 301 32.47 9.82 -6.34
CA GLU A 301 32.18 8.73 -5.39
C GLU A 301 33.03 8.85 -4.12
N LYS A 302 34.26 9.34 -4.25
CA LYS A 302 35.07 9.56 -3.06
C LYS A 302 34.43 10.65 -2.16
N ALA A 303 33.99 11.75 -2.78
CA ALA A 303 33.31 12.82 -2.02
C ALA A 303 32.05 12.30 -1.33
N CYS A 304 31.35 11.37 -1.97
CA CYS A 304 30.11 10.84 -1.43
C CYS A 304 30.35 9.85 -0.31
N ALA A 305 31.21 8.87 -0.56
CA ALA A 305 31.27 7.70 0.32
C ALA A 305 32.44 7.62 1.28
N TRP A 306 33.53 8.33 1.02
CA TRP A 306 34.74 8.12 1.81
C TRP A 306 34.75 9.00 3.06
N ASP A 307 35.18 8.41 4.17
CA ASP A 307 35.33 9.14 5.43
C ASP A 307 36.78 9.13 5.79
N PRO A 308 37.44 10.26 5.58
CA PRO A 308 38.88 10.23 5.85
C PRO A 308 39.24 10.13 7.32
N ALA A 309 38.26 10.32 8.21
CA ALA A 309 38.54 10.22 9.64
C ALA A 309 38.62 8.76 10.09
N THR A 310 37.92 7.88 9.40
CA THR A 310 37.92 6.45 9.73
C THR A 310 38.63 5.61 8.68
N GLY A 311 38.96 6.21 7.53
CA GLY A 311 39.52 5.45 6.41
C GLY A 311 38.64 4.32 5.95
N ARG A 312 37.34 4.60 5.89
CA ARG A 312 36.35 3.63 5.52
C ARG A 312 35.34 4.30 4.61
N ARG A 313 34.69 3.52 3.75
CA ARG A 313 33.47 3.93 3.13
C ARG A 313 32.33 3.90 4.09
N ARG A 314 31.41 4.83 3.87
CA ARG A 314 30.08 4.79 4.44
C ARG A 314 29.11 4.15 3.44
N ARG A 315 28.03 3.57 3.95
CA ARG A 315 27.04 2.99 3.08
C ARG A 315 26.33 4.05 2.24
N TYR A 316 26.05 5.17 2.89
CA TYR A 316 25.40 6.35 2.33
C TYR A 316 26.25 7.55 2.77
N PRO A 317 26.06 8.73 2.15
CA PRO A 317 26.98 9.81 2.56
C PRO A 317 26.93 10.11 4.06
N TRP A 318 25.75 9.96 4.68
CA TRP A 318 25.55 10.31 6.08
C TRP A 318 25.93 9.20 7.05
N GLY A 319 26.17 7.99 6.54
CA GLY A 319 26.41 6.87 7.44
C GLY A 319 25.63 5.66 6.96
N ASP A 320 25.19 4.80 7.87
CA ASP A 320 24.62 3.55 7.44
CA ASP A 320 24.59 3.56 7.41
C ASP A 320 23.07 3.56 7.56
N ALA A 321 22.48 4.62 8.10
CA ALA A 321 21.01 4.70 8.22
C ALA A 321 20.30 4.63 6.87
N ALA A 322 19.20 3.88 6.82
CA ALA A 322 18.41 3.83 5.60
C ALA A 322 17.93 5.23 5.24
N PRO A 323 17.89 5.55 3.94
CA PRO A 323 17.35 6.86 3.56
C PRO A 323 15.93 7.10 4.10
N THR A 324 15.72 8.33 4.52
CA THR A 324 14.44 8.86 4.97
C THR A 324 14.17 10.18 4.27
N ALA A 325 12.94 10.65 4.38
CA ALA A 325 12.58 11.97 3.87
C ALA A 325 13.33 13.09 4.56
N ALA A 326 13.86 12.84 5.75
CA ALA A 326 14.66 13.86 6.41
C ALA A 326 16.09 13.89 5.92
N LEU A 327 16.55 12.83 5.27
CA LEU A 327 17.95 12.77 4.83
C LEU A 327 18.12 13.10 3.35
N ALA A 328 17.13 12.78 2.53
CA ALA A 328 17.27 12.98 1.09
C ALA A 328 15.89 13.05 0.41
N ASN A 329 15.90 13.62 -0.79
CA ASN A 329 14.73 13.70 -1.65
C ASN A 329 14.80 12.65 -2.74
N LEU A 330 14.09 11.55 -2.48
CA LEU A 330 14.08 10.35 -3.32
C LEU A 330 12.65 9.86 -3.48
N GLY A 331 12.48 8.97 -4.46
CA GLY A 331 11.31 8.11 -4.52
C GLY A 331 10.16 8.55 -5.44
N GLY A 332 10.28 9.73 -6.05
CA GLY A 332 9.35 10.18 -7.06
C GLY A 332 8.28 11.17 -6.66
N ASP A 333 7.92 11.28 -5.39
CA ASP A 333 6.71 12.02 -5.05
C ASP A 333 6.84 13.53 -5.20
N ALA A 334 8.06 14.09 -5.10
CA ALA A 334 8.21 15.55 -5.14
C ALA A 334 8.12 16.12 -6.55
N LEU A 335 8.41 15.30 -7.55
CA LEU A 335 8.38 15.72 -8.97
C LEU A 335 9.32 16.91 -9.26
N ARG A 336 10.34 17.10 -8.41
CA ARG A 336 11.28 18.23 -8.51
C ARG A 336 12.37 18.03 -7.48
N PRO A 337 13.52 18.69 -7.67
CA PRO A 337 14.55 18.71 -6.65
C PRO A 337 14.22 19.75 -5.57
N ALA A 338 14.81 19.56 -4.40
CA ALA A 338 14.64 20.47 -3.28
C ALA A 338 15.61 21.64 -3.35
N PRO A 339 15.23 22.76 -2.72
CA PRO A 339 16.20 23.88 -2.63
C PRO A 339 17.54 23.47 -2.00
N VAL A 340 18.61 24.11 -2.43
CA VAL A 340 19.91 23.73 -1.86
C VAL A 340 19.97 24.08 -0.38
N GLY A 341 20.57 23.15 0.36
CA GLY A 341 20.69 23.28 1.79
C GLY A 341 19.54 22.68 2.60
N ALA A 342 18.60 22.02 1.91
CA ALA A 342 17.42 21.46 2.54
C ALA A 342 17.69 20.22 3.38
N TYR A 343 18.83 19.58 3.17
CA TYR A 343 19.16 18.30 3.84
C TYR A 343 20.52 18.31 4.54
N PRO A 344 20.69 19.17 5.55
CA PRO A 344 22.00 19.20 6.22
C PRO A 344 22.41 17.85 6.82
N ALA A 345 21.44 17.04 7.24
CA ALA A 345 21.78 15.77 7.86
C ALA A 345 22.21 14.71 6.86
N GLY A 346 22.02 14.97 5.57
CA GLY A 346 22.39 14.04 4.51
C GLY A 346 23.81 14.25 3.98
N ALA A 347 24.55 15.17 4.59
CA ALA A 347 25.90 15.53 4.12
C ALA A 347 26.85 14.33 4.18
N SER A 348 27.77 14.28 3.23
CA SER A 348 28.85 13.30 3.28
C SER A 348 29.89 13.72 4.31
N ALA A 349 30.88 12.84 4.54
CA ALA A 349 31.89 13.10 5.54
C ALA A 349 32.65 14.39 5.25
N CYS A 350 32.85 14.71 3.98
CA CYS A 350 33.56 15.93 3.62
C CYS A 350 32.65 17.16 3.58
N GLY A 351 31.36 16.96 3.81
CA GLY A 351 30.41 18.07 3.85
C GLY A 351 29.61 18.32 2.59
N ALA A 352 29.77 17.50 1.57
CA ALA A 352 29.00 17.68 0.35
C ALA A 352 27.55 17.23 0.61
N GLU A 353 26.61 18.11 0.29
CA GLU A 353 25.19 17.86 0.58
C GLU A 353 24.41 17.54 -0.69
N GLN A 354 23.30 16.84 -0.50
CA GLN A 354 22.38 16.44 -1.57
C GLN A 354 23.08 15.62 -2.66
N MET A 355 24.10 14.86 -2.27
CA MET A 355 24.76 13.94 -3.20
CA MET A 355 24.73 13.98 -3.27
C MET A 355 23.81 12.85 -3.67
N LEU A 356 23.01 12.32 -2.74
CA LEU A 356 21.96 11.35 -3.13
C LEU A 356 20.62 12.07 -3.26
N GLY A 357 19.91 11.79 -4.35
CA GLY A 357 18.63 12.43 -4.61
C GLY A 357 18.76 13.77 -5.28
N ASP A 358 17.62 14.43 -5.44
CA ASP A 358 17.48 15.74 -6.09
C ASP A 358 17.77 15.69 -7.58
N VAL A 359 19.02 15.81 -8.04
CA VAL A 359 19.32 15.68 -9.49
C VAL A 359 20.46 14.71 -9.75
N TRP A 360 20.35 13.94 -10.84
CA TRP A 360 21.51 13.21 -11.34
C TRP A 360 22.58 14.24 -11.65
N GLU A 361 23.82 13.93 -11.32
CA GLU A 361 24.91 14.90 -11.52
C GLU A 361 25.90 14.42 -12.56
N TRP A 362 26.06 15.22 -13.62
CA TRP A 362 26.98 14.86 -14.68
C TRP A 362 28.42 14.77 -14.19
N THR A 363 29.12 13.76 -14.69
CA THR A 363 30.57 13.65 -14.50
C THR A 363 31.24 13.59 -15.85
N SER A 364 32.55 13.80 -15.85
CA SER A 364 33.32 13.76 -17.08
C SER A 364 33.76 12.36 -17.49
N SER A 365 33.35 11.34 -16.73
CA SER A 365 33.80 9.98 -17.00
C SER A 365 32.94 9.23 -17.99
N PRO A 366 33.54 8.62 -19.00
CA PRO A 366 32.81 7.62 -19.79
C PRO A 366 32.53 6.40 -18.93
N LEU A 367 31.54 5.59 -19.29
CA LEU A 367 31.33 4.33 -18.58
C LEU A 367 32.46 3.38 -18.92
N ARG A 368 33.11 2.80 -17.90
CA ARG A 368 34.24 1.88 -18.06
C ARG A 368 34.12 0.84 -16.96
N PRO A 369 34.58 -0.39 -17.24
CA PRO A 369 34.59 -1.41 -16.18
C PRO A 369 35.62 -1.11 -15.10
N TRP A 370 35.28 -1.34 -13.85
CA TRP A 370 36.30 -1.44 -12.81
C TRP A 370 37.15 -2.66 -13.09
N PRO A 371 38.43 -2.60 -12.68
CA PRO A 371 39.27 -3.77 -12.85
C PRO A 371 38.69 -4.95 -12.10
N GLY A 372 38.50 -6.05 -12.81
CA GLY A 372 37.88 -7.24 -12.23
C GLY A 372 36.37 -7.32 -12.47
N PHE A 373 35.85 -6.35 -13.23
CA PHE A 373 34.45 -6.40 -13.68
C PHE A 373 34.08 -7.77 -14.25
N THR A 374 32.88 -8.23 -13.90
CA THR A 374 32.32 -9.41 -14.52
C THR A 374 30.82 -9.16 -14.68
N PRO A 375 30.24 -9.55 -15.82
CA PRO A 375 28.84 -9.17 -16.02
C PRO A 375 27.87 -9.96 -15.16
N MET A 376 26.75 -9.32 -14.82
CA MET A 376 25.66 -10.01 -14.14
C MET A 376 24.81 -10.77 -15.18
N ILE A 377 23.75 -11.43 -14.71
CA ILE A 377 22.99 -12.35 -15.56
C ILE A 377 22.48 -11.62 -16.81
N TYR A 378 22.09 -10.37 -16.60
CA TYR A 378 21.76 -9.45 -17.69
C TYR A 378 23.08 -8.88 -18.23
N GLN A 379 23.72 -9.68 -19.09
CA GLN A 379 25.09 -9.41 -19.52
C GLN A 379 25.17 -8.15 -20.36
N ARG A 380 24.09 -7.80 -21.05
CA ARG A 380 24.06 -6.62 -21.91
CA ARG A 380 24.08 -6.63 -21.91
C ARG A 380 23.60 -5.34 -21.21
N TYR A 381 23.51 -5.37 -19.89
CA TYR A 381 23.08 -4.19 -19.14
C TYR A 381 24.12 -3.05 -19.18
N SER A 382 25.41 -3.39 -18.94
CA SER A 382 26.48 -2.38 -18.91
C SER A 382 27.42 -2.49 -20.11
N GLN A 383 27.83 -3.71 -20.43
CA GLN A 383 28.93 -3.93 -21.38
C GLN A 383 28.81 -3.20 -22.72
N PRO A 384 27.62 -3.14 -23.33
CA PRO A 384 27.56 -2.48 -24.64
C PRO A 384 27.85 -1.00 -24.63
N PHE A 385 27.84 -0.39 -23.45
CA PHE A 385 27.93 1.05 -23.31
C PHE A 385 29.27 1.50 -22.77
N PHE A 386 30.17 0.56 -22.55
CA PHE A 386 31.52 0.91 -22.13
C PHE A 386 32.19 1.71 -23.25
N GLU A 387 33.13 2.56 -22.86
CA GLU A 387 33.86 3.34 -23.84
C GLU A 387 34.50 2.45 -24.87
N GLY A 388 34.25 2.76 -26.14
CA GLY A 388 34.82 2.02 -27.24
C GLY A 388 34.08 0.76 -27.64
N ALA A 389 33.01 0.42 -26.93
CA ALA A 389 32.26 -0.82 -27.21
C ALA A 389 31.38 -0.72 -28.44
N GLY A 390 31.26 0.48 -29.01
CA GLY A 390 30.60 0.67 -30.29
C GLY A 390 29.18 1.22 -30.28
N SER A 391 28.74 1.70 -29.12
CA SER A 391 27.39 2.23 -29.00
CA SER A 391 27.39 2.23 -28.99
C SER A 391 27.40 3.76 -28.92
N GLY A 392 28.56 4.35 -29.10
CA GLY A 392 28.66 5.79 -29.12
C GLY A 392 29.22 6.33 -27.82
N ASP A 393 29.02 7.62 -27.62
CA ASP A 393 29.62 8.37 -26.52
C ASP A 393 28.66 8.50 -25.37
N TYR A 394 29.13 8.12 -24.19
CA TYR A 394 28.36 8.28 -22.95
C TYR A 394 29.19 8.96 -21.89
N ARG A 395 28.48 9.64 -21.00
CA ARG A 395 29.05 10.16 -19.77
C ARG A 395 28.24 9.65 -18.60
N VAL A 396 28.94 9.36 -17.50
CA VAL A 396 28.31 8.84 -16.30
C VAL A 396 27.68 9.95 -15.50
N LEU A 397 26.51 9.68 -14.94
CA LEU A 397 25.86 10.55 -13.97
C LEU A 397 25.72 9.81 -12.64
N ARG A 398 25.84 10.55 -11.54
CA ARG A 398 25.85 9.99 -10.21
C ARG A 398 24.82 10.58 -9.28
N GLY A 399 24.50 9.76 -8.26
CA GLY A 399 23.78 10.23 -7.10
C GLY A 399 22.30 10.11 -7.07
N GLY A 400 21.70 9.79 -8.21
CA GLY A 400 20.26 9.73 -8.28
C GLY A 400 19.61 11.08 -8.32
N SER A 401 18.38 11.09 -8.78
CA SER A 401 17.50 12.24 -8.72
C SER A 401 16.38 12.05 -7.73
N TRP A 402 15.50 13.06 -7.68
CA TRP A 402 14.29 13.02 -6.88
C TRP A 402 13.40 11.83 -7.26
N ALA A 403 13.59 11.32 -8.47
CA ALA A 403 12.74 10.26 -9.01
C ALA A 403 13.22 8.87 -8.67
N VAL A 404 14.41 8.73 -8.09
CA VAL A 404 14.98 7.40 -7.89
C VAL A 404 14.52 6.78 -6.59
N ALA A 405 14.12 5.51 -6.64
CA ALA A 405 13.69 4.81 -5.46
C ALA A 405 14.87 4.59 -4.51
N ALA A 406 14.68 4.87 -3.22
CA ALA A 406 15.77 4.72 -2.28
C ALA A 406 16.33 3.29 -2.29
N ASP A 407 15.44 2.30 -2.46
CA ASP A 407 15.82 0.88 -2.42
C ASP A 407 16.89 0.53 -3.45
N ILE A 408 16.97 1.30 -4.53
CA ILE A 408 17.85 0.87 -5.63
C ILE A 408 19.09 1.74 -5.77
N LEU A 409 19.29 2.67 -4.83
CA LEU A 409 20.36 3.67 -4.95
C LEU A 409 21.47 3.49 -3.92
N ARG A 410 22.70 3.63 -4.39
CA ARG A 410 23.92 3.55 -3.58
C ARG A 410 24.91 4.57 -4.10
N PRO A 411 25.84 5.03 -3.25
CA PRO A 411 26.92 5.87 -3.76
C PRO A 411 27.65 5.31 -4.98
N SER A 412 27.78 3.99 -5.04
CA SER A 412 28.44 3.33 -6.17
C SER A 412 27.60 3.18 -7.42
N PHE A 413 26.30 3.51 -7.36
CA PHE A 413 25.44 3.32 -8.54
C PHE A 413 25.89 4.23 -9.69
N ARG A 414 25.90 3.67 -10.91
CA ARG A 414 26.34 4.41 -12.08
C ARG A 414 25.22 4.50 -13.11
N ASN A 415 24.74 5.71 -13.37
CA ASN A 415 23.87 5.98 -14.52
C ASN A 415 24.77 6.48 -15.65
N TRP A 416 24.26 6.51 -16.87
CA TRP A 416 25.01 7.05 -17.99
C TRP A 416 24.04 7.43 -19.09
N ASP A 417 24.46 8.38 -19.91
CA ASP A 417 23.67 8.72 -21.07
C ASP A 417 24.53 9.43 -22.11
N HIS A 418 23.97 9.59 -23.30
CA HIS A 418 24.65 10.38 -24.30
C HIS A 418 24.71 11.82 -23.83
N PRO A 419 25.80 12.54 -24.16
CA PRO A 419 25.94 13.91 -23.63
C PRO A 419 24.90 14.89 -24.16
N ILE A 420 24.23 14.58 -25.27
CA ILE A 420 23.18 15.43 -25.81
C ILE A 420 21.83 15.28 -25.14
N ARG A 421 21.70 14.38 -24.17
CA ARG A 421 20.39 14.14 -23.53
C ARG A 421 20.19 15.07 -22.35
N ARG A 422 18.99 15.66 -22.29
CA ARG A 422 18.65 16.48 -21.12
C ARG A 422 17.18 16.36 -20.69
N GLN A 423 16.45 15.38 -21.24
CA GLN A 423 15.11 15.11 -20.72
C GLN A 423 15.20 14.34 -19.42
N ILE A 424 16.37 13.75 -19.15
CA ILE A 424 16.68 13.11 -17.89
C ILE A 424 16.74 14.19 -16.81
N PHE A 425 16.55 13.76 -15.56
CA PHE A 425 16.47 14.71 -14.41
C PHE A 425 17.89 14.97 -13.90
N ALA A 426 18.64 15.70 -14.71
CA ALA A 426 20.06 15.88 -14.54
C ALA A 426 20.43 17.34 -14.36
N GLY A 427 21.39 17.53 -13.48
CA GLY A 427 22.00 18.83 -13.20
C GLY A 427 23.51 18.70 -13.02
N VAL A 428 24.05 19.64 -12.23
CA VAL A 428 25.47 19.90 -12.24
C VAL A 428 25.96 20.20 -10.83
N ARG A 429 27.06 19.54 -10.44
CA ARG A 429 27.88 19.93 -9.28
C ARG A 429 29.30 20.20 -9.76
N LEU A 430 29.88 21.30 -9.32
CA LEU A 430 31.20 21.72 -9.75
C LEU A 430 32.31 21.00 -9.02
N ALA A 431 33.49 21.02 -9.65
CA ALA A 431 34.71 20.56 -9.00
C ALA A 431 35.87 21.46 -9.38
N TRP A 432 36.93 21.39 -8.59
CA TRP A 432 38.12 22.20 -8.78
C TRP A 432 39.37 21.41 -8.45
N ASP A 433 40.44 21.65 -9.21
CA ASP A 433 41.78 21.21 -8.84
C ASP A 433 42.23 21.93 -7.58
N VAL A 434 43.13 21.27 -6.84
CA VAL A 434 43.85 21.82 -5.71
C VAL A 434 45.33 21.73 -6.02
N ASP A 435 46.02 22.85 -5.85
CA ASP A 435 47.48 22.95 -6.07
C ASP A 435 48.24 22.46 -4.85
N HIS B 9 -20.41 -0.21 36.88
CA HIS B 9 -19.96 1.11 37.32
C HIS B 9 -20.29 2.17 36.28
N ARG B 10 -20.75 3.33 36.74
CA ARG B 10 -21.00 4.47 35.86
C ARG B 10 -19.67 4.91 35.26
N ALA B 11 -18.59 4.63 35.98
CA ALA B 11 -17.25 5.05 35.55
C ALA B 11 -16.81 4.18 34.39
N GLU B 12 -17.10 2.89 34.51
CA GLU B 12 -16.80 1.93 33.48
C GLU B 12 -17.58 2.24 32.21
N LEU B 13 -18.84 2.60 32.35
CA LEU B 13 -19.65 2.96 31.18
C LEU B 13 -19.12 4.23 30.51
N ALA B 14 -18.71 5.21 31.33
CA ALA B 14 -18.15 6.45 30.79
C ALA B 14 -16.89 6.13 29.98
N ARG B 15 -16.03 5.31 30.57
CA ARG B 15 -14.82 4.83 29.92
C ARG B 15 -15.16 4.23 28.55
N GLN B 16 -16.16 3.37 28.52
CA GLN B 16 -16.53 2.70 27.28
C GLN B 16 -17.05 3.68 26.23
N LEU B 17 -17.87 4.64 26.67
CA LEU B 17 -18.42 5.64 25.75
C LEU B 17 -17.32 6.51 25.17
N ILE B 18 -16.42 6.95 26.05
CA ILE B 18 -15.31 7.81 25.62
C ILE B 18 -14.38 7.07 24.67
N ASP B 19 -14.06 5.82 24.99
CA ASP B 19 -13.24 5.02 24.08
C ASP B 19 -13.92 4.82 22.73
N ALA B 20 -15.22 4.63 22.74
CA ALA B 20 -15.94 4.44 21.48
C ALA B 20 -15.89 5.72 20.67
N ARG B 21 -16.09 6.87 21.32
CA ARG B 21 -16.09 8.12 20.58
C ARG B 21 -14.69 8.45 20.08
N ASN B 22 -13.64 8.11 20.84
CA ASN B 22 -12.28 8.35 20.40
C ASN B 22 -12.01 7.56 19.12
N ARG B 23 -12.55 6.35 19.07
CA ARG B 23 -12.38 5.48 17.91
C ARG B 23 -13.07 6.10 16.69
N THR B 24 -14.33 6.50 16.87
CA THR B 24 -15.06 7.15 15.80
C THR B 24 -14.31 8.37 15.27
N LEU B 25 -13.76 9.17 16.18
CA LEU B 25 -13.09 10.39 15.77
C LEU B 25 -11.78 10.10 15.04
N ARG B 26 -11.11 8.99 15.37
CA ARG B 26 -9.96 8.56 14.57
C ARG B 26 -10.41 8.21 13.14
N LEU B 27 -11.55 7.55 13.03
CA LEU B 27 -12.00 7.05 11.74
C LEU B 27 -12.54 8.17 10.85
N VAL B 28 -12.72 9.36 11.40
CA VAL B 28 -13.09 10.52 10.60
C VAL B 28 -12.01 11.61 10.66
N ASP B 29 -10.80 11.23 11.09
CA ASP B 29 -9.67 12.16 11.13
C ASP B 29 -9.03 12.28 9.75
N PHE B 30 -9.82 12.74 8.78
CA PHE B 30 -9.36 12.93 7.41
C PHE B 30 -9.99 14.19 6.85
N ASP B 31 -9.51 14.64 5.69
CA ASP B 31 -10.00 15.86 5.05
C ASP B 31 -11.50 15.77 4.81
N ASP B 32 -12.16 16.92 4.79
CA ASP B 32 -13.61 16.95 4.58
C ASP B 32 -14.01 16.21 3.31
N ALA B 33 -13.21 16.35 2.26
CA ALA B 33 -13.50 15.70 0.98
C ALA B 33 -13.55 14.18 1.12
N GLU B 34 -12.63 13.60 1.89
CA GLU B 34 -12.65 12.16 2.12
C GLU B 34 -13.93 11.73 2.81
N LEU B 35 -14.35 12.51 3.79
CA LEU B 35 -15.47 12.12 4.64
C LEU B 35 -16.79 12.19 3.86
N ARG B 36 -16.78 12.99 2.79
CA ARG B 36 -17.97 13.18 1.96
C ARG B 36 -18.04 12.21 0.78
N ARG B 37 -16.93 11.53 0.50
CA ARG B 37 -16.85 10.60 -0.62
C ARG B 37 -17.73 9.37 -0.44
N GLN B 38 -18.26 8.87 -1.55
CA GLN B 38 -18.84 7.52 -1.56
C GLN B 38 -17.74 6.58 -2.04
N TYR B 39 -17.20 5.75 -1.13
CA TYR B 39 -16.12 4.84 -1.51
C TYR B 39 -16.62 3.67 -2.34
N ASP B 40 -17.89 3.31 -2.13
CA ASP B 40 -18.54 2.21 -2.83
C ASP B 40 -20.05 2.41 -2.61
N PRO B 41 -20.88 2.17 -3.64
CA PRO B 41 -22.33 2.42 -3.50
C PRO B 41 -22.99 1.65 -2.35
N LEU B 42 -22.32 0.59 -1.88
CA LEU B 42 -22.84 -0.13 -0.72
C LEU B 42 -22.75 0.64 0.57
N MET B 43 -21.93 1.68 0.60
CA MET B 43 -21.56 2.34 1.84
C MET B 43 -21.93 3.82 1.88
N SER B 44 -22.32 4.27 3.08
CA SER B 44 -22.53 5.68 3.37
C SER B 44 -21.21 6.44 3.32
N PRO B 45 -21.26 7.74 3.02
CA PRO B 45 -20.05 8.53 3.30
C PRO B 45 -19.74 8.47 4.77
N LEU B 46 -18.48 8.54 5.16
CA LEU B 46 -18.15 8.51 6.60
C LEU B 46 -18.85 9.62 7.40
N VAL B 47 -19.05 10.78 6.78
CA VAL B 47 -19.67 11.89 7.50
C VAL B 47 -21.16 11.59 7.82
N TRP B 48 -21.74 10.63 7.11
CA TRP B 48 -23.10 10.22 7.42
C TRP B 48 -23.09 9.39 8.70
N ASP B 49 -22.20 8.40 8.77
CA ASP B 49 -22.16 7.59 9.99
C ASP B 49 -21.85 8.46 11.20
N LEU B 50 -21.00 9.47 11.02
CA LEU B 50 -20.65 10.36 12.12
C LEU B 50 -21.89 10.98 12.73
N ALA B 51 -22.66 11.65 11.89
CA ALA B 51 -23.84 12.35 12.38
C ALA B 51 -24.90 11.36 12.87
N HIS B 52 -25.01 10.21 12.20
CA HIS B 52 -25.97 9.18 12.59
C HIS B 52 -25.65 8.66 14.00
N ILE B 53 -24.37 8.43 14.27
CA ILE B 53 -23.93 7.98 15.59
C ILE B 53 -24.41 8.94 16.69
N GLY B 54 -24.24 10.23 16.43
CA GLY B 54 -24.68 11.24 17.37
C GLY B 54 -26.19 11.30 17.51
N GLN B 55 -26.90 11.16 16.39
CA GLN B 55 -28.35 11.26 16.39
C GLN B 55 -28.92 10.08 17.18
N GLN B 56 -28.30 8.92 17.03
CA GLN B 56 -28.78 7.74 17.74
C GLN B 56 -28.49 7.87 19.24
N GLU B 57 -27.30 8.35 19.58
CA GLU B 57 -26.96 8.53 20.98
C GLU B 57 -27.93 9.50 21.64
N GLU B 58 -28.23 10.58 20.94
CA GLU B 58 -29.18 11.57 21.43
C GLU B 58 -30.54 10.94 21.62
N LEU B 59 -30.98 10.18 20.63
CA LEU B 59 -32.31 9.59 20.66
C LEU B 59 -32.46 8.62 21.84
N TRP B 60 -31.51 7.70 21.99
CA TRP B 60 -31.70 6.64 22.97
C TRP B 60 -31.36 7.08 24.40
N LEU B 61 -30.48 8.08 24.55
CA LEU B 61 -30.02 8.47 25.89
C LEU B 61 -30.60 9.79 26.39
N LEU B 62 -30.86 10.73 25.49
CA LEU B 62 -31.34 12.05 25.91
C LEU B 62 -32.83 12.26 25.61
N ARG B 63 -33.39 11.44 24.72
CA ARG B 63 -34.78 11.61 24.32
C ARG B 63 -35.66 10.39 24.64
N GLY B 64 -35.12 9.47 25.45
CA GLY B 64 -35.89 8.34 25.92
C GLY B 64 -36.42 7.46 24.80
N GLY B 65 -35.75 7.52 23.64
CA GLY B 65 -36.19 6.76 22.48
C GLY B 65 -37.47 7.27 21.87
N ASP B 66 -37.95 8.40 22.39
CA ASP B 66 -39.22 8.98 21.95
C ASP B 66 -38.96 10.13 20.99
N PRO B 67 -39.26 9.94 19.70
CA PRO B 67 -38.99 10.99 18.71
C PRO B 67 -39.87 12.22 18.92
N ARG B 68 -40.91 12.11 19.74
CA ARG B 68 -41.78 13.24 20.03
C ARG B 68 -41.09 14.20 20.99
N ARG B 69 -40.14 13.70 21.78
CA ARG B 69 -39.33 14.58 22.62
C ARG B 69 -38.33 15.34 21.75
N PRO B 70 -38.07 16.62 22.09
CA PRO B 70 -37.25 17.48 21.21
C PRO B 70 -35.81 17.01 21.07
N GLY B 71 -35.32 17.03 19.83
CA GLY B 71 -33.91 16.86 19.57
C GLY B 71 -33.28 18.17 19.15
N LEU B 72 -31.95 18.19 19.06
CA LEU B 72 -31.22 19.40 18.70
C LEU B 72 -31.38 19.77 17.22
N LEU B 73 -31.50 18.76 16.35
CA LEU B 73 -31.63 18.99 14.91
C LEU B 73 -33.07 19.27 14.49
N GLU B 74 -33.26 20.10 13.47
CA GLU B 74 -34.56 20.22 12.84
C GLU B 74 -34.97 18.83 12.38
N PRO B 75 -36.25 18.47 12.56
CA PRO B 75 -36.75 17.17 12.08
C PRO B 75 -36.31 16.79 10.66
N ALA B 76 -36.36 17.75 9.73
CA ALA B 76 -36.01 17.47 8.33
C ALA B 76 -34.52 17.15 8.19
N VAL B 77 -33.71 17.76 9.04
CA VAL B 77 -32.28 17.48 9.05
C VAL B 77 -32.00 16.12 9.69
N GLU B 78 -32.69 15.87 10.80
CA GLU B 78 -32.53 14.60 11.52
C GLU B 78 -32.84 13.42 10.63
N GLN B 79 -33.87 13.57 9.80
CA GLN B 79 -34.33 12.47 8.98
C GLN B 79 -33.34 12.10 7.88
N LEU B 80 -32.38 12.97 7.61
CA LEU B 80 -31.32 12.62 6.66
C LEU B 80 -30.52 11.42 7.15
N TYR B 81 -30.60 11.15 8.46
CA TYR B 81 -29.78 10.10 9.06
C TYR B 81 -30.64 8.92 9.50
N ASP B 82 -31.85 8.84 8.97
CA ASP B 82 -32.72 7.68 9.16
C ASP B 82 -32.36 6.60 8.15
N ALA B 83 -31.76 5.52 8.63
CA ALA B 83 -31.24 4.48 7.73
C ALA B 83 -32.36 3.78 6.96
N PHE B 84 -33.57 3.81 7.49
CA PHE B 84 -34.69 3.17 6.83
C PHE B 84 -35.25 4.03 5.70
N VAL B 85 -35.10 5.34 5.82
CA VAL B 85 -35.64 6.27 4.83
C VAL B 85 -34.73 6.40 3.62
N HIS B 86 -33.41 6.39 3.87
CA HIS B 86 -32.43 6.65 2.81
C HIS B 86 -31.51 5.44 2.56
N PRO B 87 -31.69 4.77 1.40
CA PRO B 87 -30.79 3.69 1.01
C PRO B 87 -29.34 4.12 1.00
N ARG B 88 -28.44 3.21 1.38
CA ARG B 88 -27.01 3.50 1.41
C ARG B 88 -26.51 4.35 0.23
N ALA B 89 -26.82 3.93 -1.01
CA ALA B 89 -26.23 4.57 -2.17
C ALA B 89 -26.66 6.03 -2.31
N SER B 90 -27.85 6.36 -1.78
CA SER B 90 -28.41 7.69 -1.96
C SER B 90 -27.77 8.73 -1.03
N ARG B 91 -27.13 8.26 0.03
CA ARG B 91 -26.73 9.14 1.11
C ARG B 91 -25.67 10.13 0.71
N VAL B 92 -24.84 9.77 -0.26
CA VAL B 92 -23.77 10.67 -0.68
C VAL B 92 -24.32 11.95 -1.31
N HIS B 93 -25.53 11.90 -1.85
CA HIS B 93 -26.12 13.05 -2.54
C HIS B 93 -27.01 13.92 -1.65
N LEU B 94 -27.21 13.50 -0.41
CA LEU B 94 -28.05 14.26 0.52
C LEU B 94 -27.33 15.55 0.99
N PRO B 95 -28.12 16.59 1.35
CA PRO B 95 -27.51 17.82 1.87
C PRO B 95 -27.13 17.66 3.33
N LEU B 96 -26.12 16.82 3.58
CA LEU B 96 -25.74 16.46 4.94
C LEU B 96 -25.03 17.57 5.71
N LEU B 97 -25.08 17.48 7.03
CA LEU B 97 -24.25 18.32 7.89
C LEU B 97 -22.78 18.17 7.46
N SER B 98 -22.02 19.25 7.51
CA SER B 98 -20.59 19.16 7.25
C SER B 98 -19.90 18.38 8.35
N PRO B 99 -18.65 17.93 8.11
CA PRO B 99 -17.88 17.29 9.18
C PRO B 99 -17.81 18.15 10.46
N ALA B 100 -17.57 19.45 10.32
CA ALA B 100 -17.48 20.32 11.49
C ALA B 100 -18.80 20.35 12.24
N GLN B 101 -19.90 20.54 11.51
CA GLN B 101 -21.23 20.51 12.10
C GLN B 101 -21.53 19.18 12.77
N ALA B 102 -21.15 18.08 12.13
CA ALA B 102 -21.42 16.76 12.65
C ALA B 102 -20.61 16.48 13.92
N ARG B 103 -19.34 16.87 13.93
CA ARG B 103 -18.51 16.73 15.15
C ARG B 103 -19.05 17.60 16.28
N ARG B 104 -19.51 18.79 15.94
CA ARG B 104 -20.02 19.73 16.95
C ARG B 104 -21.29 19.18 17.59
N PHE B 105 -22.20 18.70 16.73
CA PHE B 105 -23.43 18.06 17.17
C PHE B 105 -23.13 16.86 18.07
N CYS B 106 -22.23 15.99 17.62
CA CYS B 106 -21.87 14.81 18.42
C CYS B 106 -21.32 15.23 19.78
N ALA B 107 -20.48 16.26 19.78
CA ALA B 107 -19.82 16.70 21.02
C ALA B 107 -20.82 17.27 21.99
N THR B 108 -21.79 18.03 21.47
CA THR B 108 -22.79 18.64 22.32
C THR B 108 -23.68 17.57 22.96
N VAL B 109 -24.09 16.60 22.15
CA VAL B 109 -24.86 15.48 22.65
C VAL B 109 -24.08 14.72 23.71
N ARG B 110 -22.80 14.49 23.46
CA ARG B 110 -22.01 13.65 24.35
C ARG B 110 -21.84 14.32 25.72
N SER B 111 -21.64 15.64 25.72
CA SER B 111 -21.52 16.36 26.99
C SER B 111 -22.75 16.15 27.86
N ALA B 112 -23.93 16.20 27.24
CA ALA B 112 -25.17 16.04 27.98
C ALA B 112 -25.32 14.60 28.46
N VAL B 113 -24.82 13.66 27.66
CA VAL B 113 -24.93 12.25 27.99
C VAL B 113 -24.05 11.89 29.18
N LEU B 114 -22.80 12.36 29.19
CA LEU B 114 -21.88 12.08 30.29
C LEU B 114 -22.31 12.75 31.58
N ASP B 115 -22.88 13.95 31.49
CA ASP B 115 -23.39 14.65 32.66
C ASP B 115 -24.57 13.87 33.24
N ALA B 116 -25.44 13.37 32.37
CA ALA B 116 -26.60 12.61 32.81
C ALA B 116 -26.16 11.30 33.45
N LEU B 117 -25.16 10.66 32.83
CA LEU B 117 -24.63 9.41 33.37
C LEU B 117 -24.03 9.62 34.77
N ASP B 118 -23.27 10.69 34.91
CA ASP B 118 -22.58 10.98 36.17
C ASP B 118 -23.57 11.19 37.31
N ARG B 119 -24.78 11.61 36.96
CA ARG B 119 -25.78 11.95 37.98
C ARG B 119 -26.69 10.78 38.32
N LEU B 120 -26.51 9.65 37.64
CA LEU B 120 -27.37 8.49 37.86
C LEU B 120 -26.98 7.70 39.11
N PRO B 121 -27.99 7.23 39.88
CA PRO B 121 -27.72 6.40 41.06
C PRO B 121 -27.05 5.06 40.71
N GLU B 122 -26.25 4.54 41.64
CA GLU B 122 -25.51 3.29 41.44
C GLU B 122 -26.42 2.15 40.97
N ASP B 123 -27.66 2.16 41.43
CA ASP B 123 -28.58 1.06 41.18
C ASP B 123 -29.47 1.28 39.95
N ALA B 124 -29.26 2.38 39.23
CA ALA B 124 -30.12 2.73 38.11
C ALA B 124 -29.89 1.80 36.93
N ASP B 125 -30.93 1.59 36.15
CA ASP B 125 -30.80 0.81 34.90
C ASP B 125 -30.02 1.62 33.88
N THR B 126 -28.97 1.02 33.34
CA THR B 126 -28.10 1.72 32.41
C THR B 126 -28.02 1.00 31.08
N PHE B 127 -28.99 0.13 30.80
CA PHE B 127 -28.93 -0.70 29.59
C PHE B 127 -28.72 0.15 28.34
N ALA B 128 -29.49 1.22 28.21
CA ALA B 128 -29.44 2.03 26.99
C ALA B 128 -28.03 2.57 26.73
N PHE B 129 -27.30 2.88 27.78
CA PHE B 129 -25.94 3.36 27.61
C PHE B 129 -25.06 2.28 26.99
N GLY B 130 -25.17 1.05 27.48
CA GLY B 130 -24.43 -0.06 26.89
C GLY B 130 -24.88 -0.33 25.47
N MET B 131 -26.17 -0.18 25.21
CA MET B 131 -26.69 -0.40 23.86
C MET B 131 -26.05 0.60 22.90
N VAL B 132 -25.89 1.83 23.35
CA VAL B 132 -25.33 2.88 22.51
C VAL B 132 -23.84 2.68 22.29
N VAL B 133 -23.13 2.17 23.30
CA VAL B 133 -21.74 1.79 23.10
C VAL B 133 -21.63 0.75 21.98
N SER B 134 -22.51 -0.25 22.02
CA SER B 134 -22.53 -1.26 20.96
C SER B 134 -22.84 -0.61 19.61
N HIS B 135 -23.86 0.26 19.59
CA HIS B 135 -24.24 0.90 18.33
C HIS B 135 -23.06 1.64 17.69
N GLU B 136 -22.36 2.42 18.50
CA GLU B 136 -21.28 3.23 17.95
C GLU B 136 -20.15 2.33 17.44
N HIS B 137 -19.73 1.33 18.22
CA HIS B 137 -18.68 0.43 17.75
C HIS B 137 -19.08 -0.34 16.52
N GLN B 138 -20.35 -0.71 16.40
CA GLN B 138 -20.76 -1.41 15.18
C GLN B 138 -20.67 -0.49 13.96
N HIS B 139 -21.02 0.79 14.12
CA HIS B 139 -20.82 1.72 13.00
C HIS B 139 -19.32 1.98 12.75
N ASP B 140 -18.50 1.85 13.77
CA ASP B 140 -17.07 1.95 13.56
C ASP B 140 -16.60 0.82 12.63
N GLU B 141 -17.13 -0.38 12.82
CA GLU B 141 -16.76 -1.50 11.94
C GLU B 141 -17.27 -1.25 10.51
N THR B 142 -18.46 -0.69 10.39
CA THR B 142 -19.01 -0.31 9.09
C THR B 142 -18.09 0.69 8.40
N MET B 143 -17.65 1.70 9.13
CA MET B 143 -16.76 2.70 8.58
C MET B 143 -15.43 2.05 8.13
N LEU B 144 -14.96 1.08 8.89
CA LEU B 144 -13.78 0.33 8.45
C LEU B 144 -14.06 -0.47 7.15
N GLN B 145 -15.24 -1.07 7.02
CA GLN B 145 -15.59 -1.74 5.76
C GLN B 145 -15.47 -0.74 4.61
N ALA B 146 -15.93 0.48 4.84
CA ALA B 146 -15.93 1.48 3.78
C ALA B 146 -14.49 1.86 3.43
N LEU B 147 -13.68 2.07 4.46
CA LEU B 147 -12.27 2.42 4.25
C LEU B 147 -11.51 1.28 3.54
N ASN B 148 -11.89 0.03 3.78
CA ASN B 148 -11.26 -1.09 3.10
C ASN B 148 -11.67 -1.13 1.62
N LEU B 149 -12.88 -0.68 1.31
CA LEU B 149 -13.35 -0.59 -0.06
C LEU B 149 -12.76 0.57 -0.87
N ARG B 150 -12.33 1.62 -0.16
CA ARG B 150 -11.81 2.83 -0.79
C ARG B 150 -10.67 2.52 -1.74
N SER B 151 -10.80 3.00 -2.98
CA SER B 151 -9.71 2.90 -3.95
C SER B 151 -8.71 4.01 -3.70
N GLY B 152 -7.43 3.66 -3.70
CA GLY B 152 -6.37 4.67 -3.68
C GLY B 152 -5.30 4.33 -2.65
N GLU B 153 -4.30 5.19 -2.55
CA GLU B 153 -3.21 4.92 -1.65
C GLU B 153 -3.76 4.96 -0.22
N PRO B 154 -3.17 4.17 0.70
CA PRO B 154 -3.80 3.98 2.01
C PRO B 154 -3.96 5.25 2.86
N LEU B 155 -5.03 5.29 3.64
CA LEU B 155 -5.24 6.32 4.66
C LEU B 155 -4.79 5.78 6.02
N LEU B 156 -5.02 4.50 6.25
CA LEU B 156 -4.63 3.84 7.50
C LEU B 156 -3.29 3.15 7.32
N GLY B 157 -2.63 2.88 8.44
CA GLY B 157 -1.43 2.06 8.44
C GLY B 157 -1.78 0.62 8.13
N SER B 158 -0.80 -0.28 8.24
CA SER B 158 -1.03 -1.67 7.86
C SER B 158 -1.48 -2.53 9.05
N GLY B 159 -1.48 -1.96 10.25
CA GLY B 159 -1.98 -2.67 11.43
C GLY B 159 -0.90 -3.02 12.44
N THR B 160 -1.33 -3.26 13.68
CA THR B 160 -0.42 -3.63 14.75
C THR B 160 0.01 -5.10 14.69
N ALA B 161 1.03 -5.45 15.49
CA ALA B 161 1.59 -6.80 15.47
C ALA B 161 0.60 -7.82 16.02
N LEU B 162 0.65 -9.03 15.46
CA LEU B 162 -0.17 -10.15 15.91
C LEU B 162 0.75 -11.30 16.25
N PRO B 163 0.26 -12.26 17.06
CA PRO B 163 1.07 -13.45 17.40
C PRO B 163 1.22 -14.36 16.21
N PRO B 164 2.26 -15.20 16.23
CA PRO B 164 2.43 -16.15 15.13
C PRO B 164 1.43 -17.27 15.26
N GLY B 165 1.10 -17.90 14.14
CA GLY B 165 0.29 -19.10 14.18
C GLY B 165 1.13 -20.29 14.60
N ARG B 166 0.56 -21.49 14.47
CA ARG B 166 1.31 -22.72 14.71
C ARG B 166 0.85 -23.81 13.73
N PRO B 167 1.70 -24.82 13.47
CA PRO B 167 1.32 -25.81 12.45
C PRO B 167 0.29 -26.84 12.92
N GLY B 168 -0.31 -27.50 11.93
CA GLY B 168 -1.12 -28.69 12.17
C GLY B 168 -2.48 -28.42 12.76
N VAL B 169 -2.99 -27.21 12.57
CA VAL B 169 -4.31 -26.89 13.09
C VAL B 169 -5.29 -26.72 11.93
N ALA B 170 -4.81 -26.22 10.79
CA ALA B 170 -5.71 -25.94 9.66
C ALA B 170 -6.39 -27.22 9.19
N GLY B 171 -7.70 -27.15 9.00
CA GLY B 171 -8.45 -28.27 8.46
C GLY B 171 -8.86 -29.32 9.47
N THR B 172 -8.43 -29.18 10.71
CA THR B 172 -8.76 -30.20 11.72
C THR B 172 -10.10 -29.85 12.39
N SER B 173 -10.64 -30.79 13.14
CA SER B 173 -11.94 -30.64 13.78
C SER B 173 -11.94 -31.18 15.21
N VAL B 174 -12.87 -30.67 16.01
CA VAL B 174 -13.10 -31.15 17.36
C VAL B 174 -14.55 -31.57 17.53
N LEU B 175 -14.77 -32.52 18.42
CA LEU B 175 -16.10 -33.01 18.69
C LEU B 175 -16.84 -32.10 19.67
N VAL B 176 -18.11 -31.83 19.37
CA VAL B 176 -19.00 -31.14 20.29
C VAL B 176 -20.07 -32.13 20.76
N PRO B 177 -19.87 -32.77 21.92
CA PRO B 177 -20.77 -33.83 22.35
C PRO B 177 -22.25 -33.41 22.39
N GLY B 178 -23.13 -34.34 22.01
CA GLY B 178 -24.55 -34.05 21.91
C GLY B 178 -25.25 -33.89 23.24
N GLY B 179 -26.35 -33.15 23.22
CA GLY B 179 -27.22 -33.04 24.38
C GLY B 179 -27.72 -31.63 24.59
N PRO B 180 -28.52 -31.44 25.66
CA PRO B 180 -29.08 -30.13 25.96
C PRO B 180 -28.01 -29.11 26.31
N PHE B 181 -28.21 -27.86 25.91
CA PHE B 181 -27.37 -26.78 26.40
C PHE B 181 -28.21 -25.51 26.47
N VAL B 182 -27.68 -24.50 27.16
CA VAL B 182 -28.39 -23.24 27.32
C VAL B 182 -27.96 -22.30 26.21
N LEU B 183 -28.91 -21.95 25.36
CA LEU B 183 -28.69 -21.00 24.26
C LEU B 183 -29.14 -19.61 24.71
N GLY B 184 -28.41 -18.57 24.35
CA GLY B 184 -28.78 -17.22 24.76
C GLY B 184 -28.43 -16.90 26.20
N VAL B 185 -28.79 -15.68 26.61
CA VAL B 185 -28.43 -15.17 27.93
C VAL B 185 -29.55 -14.32 28.48
N ASP B 186 -29.54 -14.10 29.78
CA ASP B 186 -30.47 -13.21 30.47
C ASP B 186 -29.72 -11.95 30.91
N LEU B 187 -30.43 -10.83 31.03
CA LEU B 187 -29.81 -9.59 31.44
C LEU B 187 -29.14 -9.68 32.80
N ALA B 188 -29.60 -10.62 33.64
CA ALA B 188 -29.03 -10.81 34.97
C ALA B 188 -27.54 -11.16 34.91
N ASP B 189 -27.16 -11.88 33.86
CA ASP B 189 -25.78 -12.33 33.66
C ASP B 189 -25.01 -11.45 32.71
N GLU B 190 -25.71 -10.96 31.68
CA GLU B 190 -25.13 -10.03 30.72
C GLU B 190 -25.99 -8.77 30.62
N PRO B 191 -25.66 -7.74 31.43
CA PRO B 191 -26.52 -6.54 31.53
C PRO B 191 -26.72 -5.76 30.23
N TYR B 192 -25.87 -5.97 29.23
CA TYR B 192 -25.94 -5.20 28.00
C TYR B 192 -26.11 -6.11 26.79
N ALA B 193 -26.60 -7.33 27.03
CA ALA B 193 -26.95 -8.23 25.94
C ALA B 193 -28.09 -7.63 25.12
N LEU B 194 -27.93 -7.61 23.79
CA LEU B 194 -28.94 -7.02 22.93
C LEU B 194 -30.15 -7.95 22.84
N ASP B 195 -31.29 -7.42 22.39
CA ASP B 195 -32.54 -8.14 22.57
C ASP B 195 -32.55 -9.51 21.90
N ASN B 196 -31.88 -9.64 20.77
CA ASN B 196 -31.92 -10.90 20.05
C ASN B 196 -31.10 -12.02 20.70
N GLU B 197 -30.36 -11.70 21.77
CA GLU B 197 -29.58 -12.73 22.48
C GLU B 197 -30.38 -13.40 23.59
N ARG B 198 -31.58 -12.88 23.84
CA ARG B 198 -32.36 -13.26 25.02
C ARG B 198 -33.69 -13.94 24.65
N PRO B 199 -34.22 -14.75 25.56
CA PRO B 199 -33.69 -15.15 26.88
C PRO B 199 -32.86 -16.44 26.81
N ALA B 200 -32.17 -16.76 27.91
CA ALA B 200 -31.52 -18.05 28.05
C ALA B 200 -32.57 -19.13 28.02
N HIS B 201 -32.34 -20.19 27.26
CA HIS B 201 -33.30 -21.28 27.17
C HIS B 201 -32.58 -22.55 26.74
N VAL B 202 -33.19 -23.70 27.01
CA VAL B 202 -32.54 -24.96 26.72
C VAL B 202 -32.91 -25.51 25.35
N VAL B 203 -31.89 -25.91 24.60
CA VAL B 203 -32.03 -26.55 23.31
C VAL B 203 -31.21 -27.85 23.28
N ASP B 204 -31.80 -28.92 22.75
CA ASP B 204 -31.08 -30.19 22.59
C ASP B 204 -30.38 -30.20 21.24
N VAL B 205 -29.05 -30.27 21.26
CA VAL B 205 -28.25 -30.21 20.06
C VAL B 205 -27.51 -31.53 19.89
N PRO B 206 -27.79 -32.26 18.80
CA PRO B 206 -27.08 -33.54 18.60
C PRO B 206 -25.59 -33.37 18.41
N ALA B 207 -24.84 -34.45 18.61
CA ALA B 207 -23.40 -34.43 18.39
C ALA B 207 -23.03 -33.97 16.98
N PHE B 208 -21.97 -33.18 16.91
CA PHE B 208 -21.42 -32.73 15.64
C PHE B 208 -19.96 -32.36 15.85
N ARG B 209 -19.24 -32.20 14.74
CA ARG B 209 -17.86 -31.71 14.78
C ARG B 209 -17.79 -30.31 14.22
N ILE B 210 -16.85 -29.51 14.71
CA ILE B 210 -16.67 -28.16 14.22
C ILE B 210 -15.19 -27.93 13.97
N GLY B 211 -14.86 -27.03 13.05
CA GLY B 211 -13.46 -26.76 12.74
C GLY B 211 -12.71 -26.20 13.94
N ARG B 212 -11.48 -26.67 14.13
CA ARG B 212 -10.64 -26.14 15.20
C ARG B 212 -10.30 -24.67 14.96
N VAL B 213 -10.08 -24.34 13.69
CA VAL B 213 -9.79 -22.97 13.30
C VAL B 213 -10.54 -22.64 12.03
N PRO B 214 -10.66 -21.34 11.73
CA PRO B 214 -11.26 -20.97 10.45
C PRO B 214 -10.51 -21.49 9.24
N VAL B 215 -11.24 -21.50 8.12
CA VAL B 215 -10.68 -21.84 6.83
C VAL B 215 -9.65 -20.79 6.44
N THR B 216 -8.50 -21.25 5.94
CA THR B 216 -7.39 -20.35 5.62
C THR B 216 -7.34 -19.92 4.16
N ASN B 217 -6.51 -18.94 3.86
CA ASN B 217 -6.30 -18.51 2.49
C ASN B 217 -5.73 -19.66 1.61
N ALA B 218 -4.82 -20.44 2.13
CA ALA B 218 -4.22 -21.51 1.34
C ALA B 218 -5.27 -22.55 1.02
N GLU B 219 -6.12 -22.84 2.00
CA GLU B 219 -7.22 -23.78 1.75
C GLU B 219 -8.17 -23.25 0.69
N TRP B 220 -8.45 -21.95 0.75
CA TRP B 220 -9.35 -21.34 -0.24
C TRP B 220 -8.72 -21.38 -1.64
N ARG B 221 -7.42 -21.14 -1.71
CA ARG B 221 -6.73 -21.21 -3.00
C ARG B 221 -6.82 -22.61 -3.59
N ALA B 222 -6.77 -23.63 -2.73
CA ALA B 222 -6.88 -25.01 -3.21
C ALA B 222 -8.27 -25.25 -3.81
N PHE B 223 -9.30 -24.70 -3.17
CA PHE B 223 -10.67 -24.76 -3.66
C PHE B 223 -10.77 -24.11 -5.06
N ILE B 224 -10.20 -22.92 -5.20
CA ILE B 224 -10.14 -22.24 -6.49
C ILE B 224 -9.45 -23.09 -7.55
N ASP B 225 -8.27 -23.59 -7.21
CA ASP B 225 -7.44 -24.32 -8.15
C ASP B 225 -8.04 -25.66 -8.54
N ASP B 226 -8.88 -26.21 -7.67
CA ASP B 226 -9.58 -27.46 -7.98
C ASP B 226 -10.87 -27.22 -8.77
N GLY B 227 -11.14 -25.96 -9.13
CA GLY B 227 -12.29 -25.62 -9.96
C GLY B 227 -13.57 -25.35 -9.19
N GLY B 228 -13.44 -25.04 -7.91
CA GLY B 228 -14.61 -24.92 -7.05
C GLY B 228 -15.65 -23.90 -7.50
N TYR B 229 -15.20 -22.80 -8.09
CA TYR B 229 -16.14 -21.76 -8.58
C TYR B 229 -16.78 -22.15 -9.90
N ARG B 230 -16.30 -23.25 -10.50
CA ARG B 230 -16.79 -23.67 -11.82
C ARG B 230 -17.61 -24.96 -11.76
N GLN B 231 -17.79 -25.49 -10.55
CA GLN B 231 -18.46 -26.78 -10.38
C GLN B 231 -19.78 -26.60 -9.63
N ARG B 232 -20.86 -26.66 -10.40
CA ARG B 232 -22.21 -26.48 -9.91
C ARG B 232 -22.55 -27.24 -8.63
N ARG B 233 -22.04 -28.46 -8.49
CA ARG B 233 -22.54 -29.36 -7.46
C ARG B 233 -22.28 -28.88 -6.04
N TRP B 234 -21.34 -27.95 -5.87
CA TRP B 234 -21.04 -27.45 -4.52
C TRP B 234 -21.97 -26.33 -4.09
N TRP B 235 -22.66 -25.72 -5.04
CA TRP B 235 -23.40 -24.48 -4.78
C TRP B 235 -24.89 -24.73 -4.62
N SER B 236 -25.55 -23.89 -3.81
CA SER B 236 -27.01 -23.91 -3.77
C SER B 236 -27.54 -23.29 -5.06
N ASP B 237 -28.83 -23.46 -5.35
CA ASP B 237 -29.44 -22.86 -6.54
C ASP B 237 -29.26 -21.34 -6.48
N ALA B 238 -29.56 -20.75 -5.32
CA ALA B 238 -29.44 -19.31 -5.15
C ALA B 238 -27.98 -18.88 -5.27
N GLY B 239 -27.07 -19.68 -4.70
CA GLY B 239 -25.65 -19.36 -4.70
C GLY B 239 -25.06 -19.41 -6.09
N TRP B 240 -25.44 -20.43 -6.86
CA TRP B 240 -24.94 -20.56 -8.23
C TRP B 240 -25.46 -19.41 -9.08
N ALA B 241 -26.71 -19.03 -8.86
CA ALA B 241 -27.31 -17.93 -9.62
C ALA B 241 -26.59 -16.61 -9.31
N TYR B 242 -26.23 -16.38 -8.04
CA TYR B 242 -25.51 -15.18 -7.68
C TYR B 242 -24.06 -15.22 -8.17
N ARG B 243 -23.40 -16.37 -8.05
CA ARG B 243 -22.06 -16.52 -8.60
C ARG B 243 -22.07 -16.14 -10.07
N CYS B 244 -23.09 -16.60 -10.78
CA CYS B 244 -23.26 -16.31 -12.18
C CYS B 244 -23.41 -14.79 -12.41
N GLU B 245 -24.30 -14.17 -11.65
CA GLU B 245 -24.60 -12.77 -11.88
C GLU B 245 -23.39 -11.88 -11.58
N ALA B 246 -22.74 -12.13 -10.45
CA ALA B 246 -21.66 -11.26 -10.01
C ALA B 246 -20.32 -11.68 -10.58
N GLY B 247 -20.27 -12.85 -11.23
CA GLY B 247 -19.01 -13.37 -11.76
C GLY B 247 -17.97 -13.64 -10.68
N LEU B 248 -18.40 -14.25 -9.58
CA LEU B 248 -17.47 -14.57 -8.51
C LEU B 248 -16.46 -15.60 -8.96
N THR B 249 -15.17 -15.31 -8.70
CA THR B 249 -14.10 -16.25 -8.99
C THR B 249 -13.08 -16.39 -7.86
N ALA B 250 -13.16 -15.55 -6.85
CA ALA B 250 -12.21 -15.56 -5.72
C ALA B 250 -12.80 -14.63 -4.67
N PRO B 251 -12.26 -14.68 -3.44
CA PRO B 251 -12.68 -13.68 -2.44
C PRO B 251 -12.46 -12.24 -2.93
N GLN B 252 -13.23 -11.32 -2.40
CA GLN B 252 -13.01 -9.94 -2.78
C GLN B 252 -11.61 -9.55 -2.29
N PHE B 253 -11.01 -8.64 -3.06
CA PHE B 253 -9.71 -8.02 -2.77
C PHE B 253 -8.51 -8.92 -3.12
N TRP B 254 -8.76 -10.15 -3.60
CA TRP B 254 -7.69 -10.97 -4.18
C TRP B 254 -7.47 -10.54 -5.64
N ASN B 255 -6.22 -10.27 -5.99
CA ASN B 255 -5.87 -9.70 -7.28
C ASN B 255 -5.27 -10.74 -8.21
N PRO B 256 -5.33 -10.49 -9.53
CA PRO B 256 -4.80 -11.47 -10.48
C PRO B 256 -3.31 -11.75 -10.38
N ASP B 257 -2.56 -10.81 -9.82
CA ASP B 257 -1.14 -10.96 -9.71
C ASP B 257 -0.71 -11.70 -8.45
N GLY B 258 -1.66 -12.28 -7.71
CA GLY B 258 -1.31 -13.12 -6.58
C GLY B 258 -1.27 -12.36 -5.27
N THR B 259 -1.58 -11.08 -5.32
CA THR B 259 -1.65 -10.26 -4.11
C THR B 259 -3.08 -10.09 -3.64
N ARG B 260 -3.26 -9.48 -2.47
CA ARG B 260 -4.54 -8.92 -2.05
C ARG B 260 -4.37 -7.46 -1.68
N THR B 261 -5.47 -6.70 -1.68
CA THR B 261 -5.40 -5.30 -1.28
C THR B 261 -6.28 -5.07 -0.04
N ARG B 262 -5.62 -4.58 1.01
CA ARG B 262 -6.22 -4.52 2.35
C ARG B 262 -6.05 -3.12 2.88
N PHE B 263 -7.15 -2.40 3.05
CA PHE B 263 -7.08 -0.98 3.41
C PHE B 263 -6.09 -0.25 2.49
N GLY B 264 -6.09 -0.68 1.24
CA GLY B 264 -5.31 -0.02 0.21
C GLY B 264 -3.86 -0.49 0.13
N HIS B 265 -3.47 -1.34 1.08
CA HIS B 265 -2.15 -1.97 1.07
C HIS B 265 -2.14 -3.21 0.21
N VAL B 266 -1.27 -3.22 -0.79
CA VAL B 266 -1.10 -4.39 -1.64
C VAL B 266 -0.07 -5.31 -1.01
N GLU B 267 -0.48 -6.55 -0.79
CA GLU B 267 0.35 -7.50 -0.05
C GLU B 267 0.26 -8.91 -0.61
N ASP B 268 1.34 -9.65 -0.45
CA ASP B 268 1.31 -11.06 -0.76
C ASP B 268 0.27 -11.73 0.16
N ILE B 269 -0.48 -12.69 -0.35
CA ILE B 269 -1.56 -13.27 0.46
C ILE B 269 -0.99 -14.27 1.46
N PRO B 270 -1.18 -14.02 2.76
CA PRO B 270 -0.56 -14.96 3.70
C PRO B 270 -1.35 -16.27 3.73
N PRO B 271 -0.65 -17.40 3.64
CA PRO B 271 -1.40 -18.65 3.47
C PRO B 271 -2.19 -19.08 4.71
N ASP B 272 -1.69 -18.78 5.89
CA ASP B 272 -2.25 -19.34 7.13
C ASP B 272 -3.25 -18.42 7.82
N GLU B 273 -3.52 -17.28 7.19
CA GLU B 273 -4.53 -16.35 7.68
CA GLU B 273 -4.51 -16.35 7.69
C GLU B 273 -5.92 -16.82 7.30
N PRO B 274 -6.90 -16.65 8.20
CA PRO B 274 -8.29 -16.97 7.81
C PRO B 274 -8.71 -16.28 6.53
N VAL B 275 -9.38 -16.99 5.63
CA VAL B 275 -9.94 -16.33 4.47
C VAL B 275 -10.98 -15.30 4.94
N GLN B 276 -11.09 -14.22 4.18
CA GLN B 276 -11.96 -13.11 4.53
C GLN B 276 -12.58 -12.59 3.26
N HIS B 277 -13.76 -11.97 3.40
CA HIS B 277 -14.45 -11.33 2.29
C HIS B 277 -14.95 -12.34 1.28
N VAL B 278 -15.62 -13.38 1.80
CA VAL B 278 -16.41 -14.30 0.98
C VAL B 278 -17.87 -14.21 1.36
N THR B 279 -18.73 -14.39 0.37
CA THR B 279 -20.17 -14.44 0.58
C THR B 279 -20.56 -15.70 1.30
N TYR B 280 -21.77 -15.68 1.82
CA TYR B 280 -22.36 -16.89 2.37
C TYR B 280 -22.38 -18.02 1.33
N PHE B 281 -22.73 -17.66 0.11
CA PHE B 281 -22.85 -18.65 -0.95
C PHE B 281 -21.48 -19.29 -1.26
N GLU B 282 -20.44 -18.49 -1.26
CA GLU B 282 -19.09 -19.05 -1.37
C GLU B 282 -18.76 -19.96 -0.21
N ALA B 283 -19.09 -19.51 1.01
CA ALA B 283 -18.81 -20.31 2.19
C ALA B 283 -19.49 -21.67 2.10
N GLU B 284 -20.75 -21.72 1.70
CA GLU B 284 -21.40 -23.02 1.68
C GLU B 284 -20.84 -23.89 0.56
N ALA B 285 -20.39 -23.28 -0.54
CA ALA B 285 -19.78 -24.06 -1.65
C ALA B 285 -18.44 -24.64 -1.23
N TYR B 286 -17.60 -23.83 -0.59
CA TYR B 286 -16.34 -24.35 -0.06
C TYR B 286 -16.60 -25.53 0.89
N ALA B 287 -17.55 -25.35 1.81
CA ALA B 287 -17.82 -26.37 2.80
C ALA B 287 -18.22 -27.67 2.11
N ALA B 288 -19.07 -27.57 1.09
CA ALA B 288 -19.51 -28.76 0.35
C ALA B 288 -18.32 -29.45 -0.34
N TRP B 289 -17.48 -28.66 -1.00
CA TRP B 289 -16.29 -29.19 -1.68
C TRP B 289 -15.34 -29.86 -0.70
N ALA B 290 -15.27 -29.31 0.51
CA ALA B 290 -14.43 -29.88 1.57
C ALA B 290 -15.01 -31.12 2.25
N GLY B 291 -16.23 -31.52 1.90
CA GLY B 291 -16.85 -32.69 2.53
C GLY B 291 -17.49 -32.36 3.87
N ALA B 292 -17.84 -31.09 4.05
CA ALA B 292 -18.37 -30.56 5.29
C ALA B 292 -19.64 -29.76 5.01
N ARG B 293 -19.98 -28.87 5.94
CA ARG B 293 -21.12 -27.99 5.81
C ARG B 293 -20.86 -26.79 6.69
N LEU B 294 -21.77 -25.82 6.68
CA LEU B 294 -21.70 -24.72 7.62
C LEU B 294 -22.38 -25.16 8.93
N PRO B 295 -21.93 -24.62 10.07
CA PRO B 295 -22.67 -24.79 11.31
C PRO B 295 -23.95 -23.99 11.31
N THR B 296 -24.94 -24.45 12.08
CA THR B 296 -26.04 -23.56 12.45
C THR B 296 -25.50 -22.62 13.52
N GLU B 297 -26.19 -21.50 13.78
CA GLU B 297 -25.69 -20.59 14.81
C GLU B 297 -25.85 -21.21 16.19
N ILE B 298 -26.80 -22.14 16.34
CA ILE B 298 -27.01 -22.80 17.61
C ILE B 298 -25.86 -23.75 17.89
N GLU B 299 -25.47 -24.50 16.86
CA GLU B 299 -24.28 -25.34 16.95
C GLU B 299 -23.06 -24.49 17.28
N TRP B 300 -22.94 -23.35 16.60
CA TRP B 300 -21.80 -22.46 16.78
C TRP B 300 -21.73 -21.99 18.23
N GLU B 301 -22.86 -21.53 18.77
CA GLU B 301 -22.83 -21.03 20.15
C GLU B 301 -22.55 -22.11 21.19
N LYS B 302 -23.02 -23.34 20.94
CA LYS B 302 -22.74 -24.43 21.85
C LYS B 302 -21.24 -24.69 21.84
N ALA B 303 -20.65 -24.77 20.65
CA ALA B 303 -19.21 -24.99 20.53
C ALA B 303 -18.44 -23.90 21.25
N CYS B 304 -18.92 -22.67 21.18
CA CYS B 304 -18.22 -21.55 21.79
C CYS B 304 -18.33 -21.52 23.32
N ALA B 305 -19.56 -21.59 23.83
CA ALA B 305 -19.80 -21.26 25.23
C ALA B 305 -20.02 -22.45 26.16
N TRP B 306 -20.34 -23.63 25.64
CA TRP B 306 -20.73 -24.75 26.52
C TRP B 306 -19.52 -25.54 27.01
N ASP B 307 -19.53 -25.90 28.29
CA ASP B 307 -18.50 -26.76 28.87
C ASP B 307 -19.12 -28.10 29.25
N PRO B 308 -18.85 -29.17 28.48
CA PRO B 308 -19.44 -30.48 28.77
C PRO B 308 -19.04 -31.00 30.13
N ALA B 309 -17.82 -30.68 30.55
CA ALA B 309 -17.27 -31.23 31.78
C ALA B 309 -18.05 -30.76 33.00
N THR B 310 -18.57 -29.53 32.92
CA THR B 310 -19.29 -28.91 34.03
C THR B 310 -20.79 -28.80 33.76
N GLY B 311 -21.20 -28.92 32.51
CA GLY B 311 -22.60 -28.70 32.15
C GLY B 311 -23.02 -27.26 32.37
N ARG B 312 -22.10 -26.34 32.12
CA ARG B 312 -22.35 -24.90 32.30
C ARG B 312 -21.90 -24.11 31.08
N ARG B 313 -22.48 -22.93 30.92
CA ARG B 313 -21.94 -21.92 30.02
C ARG B 313 -20.75 -21.19 30.63
N ARG B 314 -19.79 -20.90 29.77
CA ARG B 314 -18.71 -19.96 30.08
C ARG B 314 -19.10 -18.60 29.52
N ARG B 315 -18.60 -17.54 30.14
CA ARG B 315 -18.85 -16.19 29.64
C ARG B 315 -18.21 -15.98 28.27
N TYR B 316 -16.99 -16.48 28.15
CA TYR B 316 -16.21 -16.45 26.91
C TYR B 316 -15.71 -17.88 26.66
N PRO B 317 -15.23 -18.18 25.44
CA PRO B 317 -14.87 -19.59 25.23
C PRO B 317 -13.82 -20.11 26.19
N TRP B 318 -12.89 -19.24 26.61
CA TRP B 318 -11.79 -19.62 27.52
C TRP B 318 -12.19 -19.67 29.00
N GLY B 319 -13.33 -19.08 29.33
CA GLY B 319 -13.73 -18.93 30.72
C GLY B 319 -14.27 -17.54 30.98
N ASP B 320 -14.01 -17.02 32.19
CA ASP B 320 -14.63 -15.75 32.58
C ASP B 320 -13.70 -14.54 32.46
N ALA B 321 -12.43 -14.78 32.15
CA ALA B 321 -11.45 -13.69 32.05
C ALA B 321 -11.81 -12.68 30.95
N ALA B 322 -11.60 -11.41 31.25
CA ALA B 322 -11.85 -10.34 30.28
C ALA B 322 -10.98 -10.56 29.05
N PRO B 323 -11.53 -10.32 27.84
CA PRO B 323 -10.66 -10.47 26.66
C PRO B 323 -9.39 -9.63 26.78
N THR B 324 -8.28 -10.20 26.33
CA THR B 324 -6.99 -9.51 26.29
C THR B 324 -6.38 -9.79 24.94
N ALA B 325 -5.29 -9.09 24.64
CA ALA B 325 -4.54 -9.34 23.41
C ALA B 325 -3.92 -10.75 23.44
N ALA B 326 -3.78 -11.32 24.62
CA ALA B 326 -3.27 -12.68 24.75
C ALA B 326 -4.33 -13.72 24.41
N LEU B 327 -5.60 -13.33 24.45
CA LEU B 327 -6.70 -14.28 24.30
C LEU B 327 -7.36 -14.25 22.93
N ALA B 328 -7.38 -13.07 22.32
CA ALA B 328 -8.09 -12.92 21.07
C ALA B 328 -7.64 -11.66 20.35
N ASN B 329 -7.93 -11.63 19.06
CA ASN B 329 -7.67 -10.49 18.20
C ASN B 329 -8.97 -9.68 18.01
N LEU B 330 -9.08 -8.61 18.79
CA LEU B 330 -10.28 -7.77 18.83
C LEU B 330 -9.89 -6.31 18.81
N GLY B 331 -10.83 -5.43 18.51
CA GLY B 331 -10.67 -4.02 18.82
C GLY B 331 -10.25 -3.10 17.68
N GLY B 332 -9.88 -3.68 16.54
CA GLY B 332 -9.63 -2.92 15.32
C GLY B 332 -8.20 -2.57 14.95
N ASP B 333 -7.25 -2.69 15.87
CA ASP B 333 -5.90 -2.18 15.60
C ASP B 333 -5.11 -3.00 14.59
N ALA B 334 -5.43 -4.29 14.45
CA ALA B 334 -4.63 -5.16 13.58
C ALA B 334 -5.02 -5.01 12.13
N LEU B 335 -6.27 -4.60 11.88
CA LEU B 335 -6.78 -4.43 10.52
C LEU B 335 -6.71 -5.71 9.68
N ARG B 336 -6.66 -6.86 10.36
CA ARG B 336 -6.60 -8.15 9.70
C ARG B 336 -6.76 -9.27 10.73
N PRO B 337 -7.16 -10.47 10.26
CA PRO B 337 -7.17 -11.62 11.18
C PRO B 337 -5.78 -12.18 11.37
N ALA B 338 -5.61 -12.85 12.50
CA ALA B 338 -4.34 -13.47 12.89
C ALA B 338 -4.20 -14.85 12.27
N PRO B 339 -2.95 -15.32 12.08
CA PRO B 339 -2.74 -16.69 11.57
C PRO B 339 -3.46 -17.73 12.42
N VAL B 340 -3.99 -18.78 11.80
CA VAL B 340 -4.69 -19.80 12.58
C VAL B 340 -3.74 -20.45 13.57
N GLY B 341 -4.26 -20.69 14.77
CA GLY B 341 -3.46 -21.29 15.84
C GLY B 341 -2.70 -20.28 16.69
N ALA B 342 -2.93 -18.99 16.44
CA ALA B 342 -2.20 -17.94 17.14
C ALA B 342 -2.71 -17.69 18.58
N TYR B 343 -3.88 -18.24 18.92
CA TYR B 343 -4.48 -18.00 20.23
C TYR B 343 -4.92 -19.28 20.93
N PRO B 344 -3.97 -20.15 21.25
CA PRO B 344 -4.33 -21.38 21.94
C PRO B 344 -5.03 -21.12 23.27
N ALA B 345 -4.71 -20.01 23.94
CA ALA B 345 -5.31 -19.74 25.26
C ALA B 345 -6.78 -19.34 25.15
N GLY B 346 -7.21 -19.00 23.93
CA GLY B 346 -8.57 -18.50 23.71
C GLY B 346 -9.54 -19.59 23.27
N ALA B 347 -9.10 -20.83 23.36
CA ALA B 347 -9.90 -21.96 22.93
C ALA B 347 -11.14 -22.18 23.80
N SER B 348 -12.22 -22.65 23.18
CA SER B 348 -13.42 -23.04 23.91
C SER B 348 -13.21 -24.40 24.58
N ALA B 349 -14.16 -24.83 25.39
CA ALA B 349 -14.04 -26.09 26.12
C ALA B 349 -13.80 -27.31 25.22
N CYS B 350 -14.41 -27.31 24.05
CA CYS B 350 -14.26 -28.43 23.11
C CYS B 350 -13.00 -28.31 22.25
N GLY B 351 -12.27 -27.22 22.41
CA GLY B 351 -11.00 -27.03 21.72
C GLY B 351 -11.07 -26.16 20.48
N ALA B 352 -12.23 -25.58 20.17
CA ALA B 352 -12.33 -24.70 19.00
C ALA B 352 -11.65 -23.39 19.29
N GLU B 353 -10.77 -22.97 18.39
CA GLU B 353 -9.94 -21.78 18.59
C GLU B 353 -10.37 -20.63 17.70
N GLN B 354 -10.09 -19.43 18.20
CA GLN B 354 -10.38 -18.17 17.50
C GLN B 354 -11.86 -18.01 17.20
N MET B 355 -12.71 -18.52 18.09
CA MET B 355 -14.14 -18.34 17.93
CA MET B 355 -14.14 -18.33 17.87
C MET B 355 -14.51 -16.86 18.09
N LEU B 356 -13.91 -16.21 19.08
CA LEU B 356 -14.12 -14.76 19.22
C LEU B 356 -12.99 -14.02 18.53
N GLY B 357 -13.33 -12.98 17.77
CA GLY B 357 -12.32 -12.23 17.04
C GLY B 357 -11.92 -12.85 15.73
N ASP B 358 -10.94 -12.22 15.08
CA ASP B 358 -10.43 -12.61 13.78
C ASP B 358 -11.45 -12.44 12.64
N VAL B 359 -12.36 -13.39 12.36
CA VAL B 359 -13.36 -13.14 11.32
C VAL B 359 -14.74 -13.50 11.81
N TRP B 360 -15.71 -12.72 11.33
CA TRP B 360 -17.10 -13.12 11.54
C TRP B 360 -17.27 -14.42 10.83
N GLU B 361 -17.99 -15.37 11.43
CA GLU B 361 -18.16 -16.66 10.79
C GLU B 361 -19.59 -16.89 10.34
N TRP B 362 -19.76 -17.20 9.05
CA TRP B 362 -21.07 -17.48 8.50
C TRP B 362 -21.69 -18.71 9.13
N THR B 363 -22.99 -18.64 9.39
CA THR B 363 -23.77 -19.80 9.79
C THR B 363 -24.92 -19.97 8.84
N SER B 364 -25.55 -21.13 8.86
CA SER B 364 -26.69 -21.41 8.00
C SER B 364 -28.01 -20.91 8.54
N SER B 365 -27.99 -20.22 9.69
CA SER B 365 -29.22 -19.79 10.33
C SER B 365 -29.70 -18.43 9.86
N PRO B 366 -30.97 -18.32 9.45
CA PRO B 366 -31.54 -16.98 9.33
C PRO B 366 -31.70 -16.35 10.70
N LEU B 367 -31.83 -15.02 10.77
CA LEU B 367 -32.11 -14.39 12.06
C LEU B 367 -33.53 -14.73 12.52
N ARG B 368 -33.66 -15.22 13.74
CA ARG B 368 -34.95 -15.61 14.32
C ARG B 368 -34.97 -15.28 15.80
N PRO B 369 -36.14 -14.90 16.33
CA PRO B 369 -36.19 -14.64 17.77
C PRO B 369 -36.05 -15.92 18.58
N TRP B 370 -35.36 -15.86 19.72
CA TRP B 370 -35.41 -16.98 20.67
C TRP B 370 -36.81 -17.00 21.26
N PRO B 371 -37.27 -18.18 21.73
CA PRO B 371 -38.57 -18.19 22.42
C PRO B 371 -38.54 -17.25 23.63
N GLY B 372 -39.52 -16.36 23.69
CA GLY B 372 -39.61 -15.38 24.76
C GLY B 372 -38.91 -14.06 24.43
N PHE B 373 -38.44 -13.90 23.20
CA PHE B 373 -37.82 -12.65 22.75
C PHE B 373 -38.75 -11.47 23.05
N THR B 374 -38.16 -10.38 23.52
CA THR B 374 -38.88 -9.11 23.69
C THR B 374 -37.93 -8.00 23.24
N PRO B 375 -38.44 -7.04 22.44
CA PRO B 375 -37.52 -6.05 21.85
C PRO B 375 -37.00 -5.04 22.88
N MET B 376 -35.79 -4.55 22.65
CA MET B 376 -35.21 -3.52 23.52
C MET B 376 -35.72 -2.15 23.04
N ILE B 377 -35.26 -1.08 23.69
CA ILE B 377 -35.85 0.24 23.49
C ILE B 377 -35.76 0.63 22.00
N TYR B 378 -34.66 0.24 21.36
CA TYR B 378 -34.52 0.37 19.91
C TYR B 378 -35.21 -0.84 19.25
N GLN B 379 -36.52 -0.75 19.15
CA GLN B 379 -37.34 -1.91 18.78
C GLN B 379 -37.10 -2.40 17.36
N ARG B 380 -36.66 -1.49 16.47
CA ARG B 380 -36.37 -1.87 15.09
C ARG B 380 -34.93 -2.33 14.86
N TYR B 381 -34.21 -2.63 15.93
CA TYR B 381 -32.83 -3.08 15.79
C TYR B 381 -32.76 -4.49 15.19
N SER B 382 -33.57 -5.42 15.72
CA SER B 382 -33.57 -6.82 15.28
C SER B 382 -34.81 -7.20 14.47
N GLN B 383 -35.96 -6.74 14.93
CA GLN B 383 -37.23 -7.29 14.47
C GLN B 383 -37.45 -7.20 12.95
N PRO B 384 -37.05 -6.09 12.30
CA PRO B 384 -37.34 -6.00 10.87
C PRO B 384 -36.60 -7.04 10.01
N PHE B 385 -35.61 -7.71 10.61
CA PHE B 385 -34.71 -8.57 9.84
C PHE B 385 -34.87 -10.05 10.21
N PHE B 386 -35.84 -10.35 11.06
CA PHE B 386 -36.19 -11.74 11.32
C PHE B 386 -36.64 -12.41 10.02
N GLU B 387 -36.49 -13.73 9.95
CA GLU B 387 -36.97 -14.46 8.79
C GLU B 387 -38.45 -14.18 8.56
N GLY B 388 -38.80 -13.83 7.33
CA GLY B 388 -40.19 -13.60 6.97
C GLY B 388 -40.73 -12.24 7.41
N ALA B 389 -39.88 -11.42 8.01
CA ALA B 389 -40.33 -10.10 8.48
C ALA B 389 -40.47 -9.10 7.32
N GLY B 390 -40.00 -9.47 6.13
CA GLY B 390 -40.21 -8.69 4.93
C GLY B 390 -39.04 -7.86 4.42
N SER B 391 -37.88 -8.00 5.06
CA SER B 391 -36.71 -7.21 4.68
CA SER B 391 -36.71 -7.21 4.68
C SER B 391 -35.74 -8.03 3.82
N GLY B 392 -36.14 -9.22 3.43
CA GLY B 392 -35.33 -10.07 2.58
C GLY B 392 -34.63 -11.19 3.35
N ASP B 393 -33.62 -11.78 2.72
CA ASP B 393 -32.93 -12.94 3.26
C ASP B 393 -31.67 -12.53 3.98
N TYR B 394 -31.52 -13.05 5.19
CA TYR B 394 -30.30 -12.81 5.98
C TYR B 394 -29.78 -14.13 6.50
N ARG B 395 -28.46 -14.19 6.72
CA ARG B 395 -27.85 -15.28 7.46
C ARG B 395 -27.06 -14.68 8.63
N VAL B 396 -27.08 -15.39 9.76
CA VAL B 396 -26.38 -14.95 10.98
C VAL B 396 -24.90 -15.24 10.89
N LEU B 397 -24.10 -14.28 11.34
CA LEU B 397 -22.68 -14.49 11.52
C LEU B 397 -22.34 -14.38 12.99
N ARG B 398 -21.36 -15.17 13.42
CA ARG B 398 -21.00 -15.23 14.83
C ARG B 398 -19.54 -14.95 15.13
N GLY B 399 -19.27 -14.55 16.37
CA GLY B 399 -17.92 -14.59 16.91
C GLY B 399 -17.14 -13.30 16.85
N GLY B 400 -17.61 -12.35 16.06
CA GLY B 400 -16.87 -11.11 15.86
C GLY B 400 -15.66 -11.28 14.96
N SER B 401 -15.20 -10.15 14.44
CA SER B 401 -13.97 -10.07 13.67
C SER B 401 -12.92 -9.33 14.45
N TRP B 402 -11.76 -9.16 13.81
CA TRP B 402 -10.67 -8.40 14.35
C TRP B 402 -11.08 -6.95 14.64
N ALA B 403 -12.16 -6.51 14.00
CA ALA B 403 -12.60 -5.11 14.11
C ALA B 403 -13.51 -4.87 15.30
N VAL B 404 -14.02 -5.94 15.92
CA VAL B 404 -15.05 -5.78 16.96
C VAL B 404 -14.49 -5.45 18.31
N ALA B 405 -15.04 -4.42 18.95
CA ALA B 405 -14.57 -4.04 20.28
C ALA B 405 -14.90 -5.14 21.29
N ALA B 406 -13.92 -5.48 22.13
CA ALA B 406 -14.14 -6.51 23.13
C ALA B 406 -15.33 -6.13 24.03
N ASP B 407 -15.50 -4.83 24.26
CA ASP B 407 -16.53 -4.36 25.19
C ASP B 407 -17.95 -4.77 24.75
N ILE B 408 -18.13 -5.01 23.46
CA ILE B 408 -19.48 -5.26 22.93
C ILE B 408 -19.71 -6.68 22.45
N LEU B 409 -18.77 -7.59 22.74
CA LEU B 409 -18.80 -8.93 22.16
C LEU B 409 -19.02 -10.01 23.21
N ARG B 410 -19.90 -10.96 22.85
CA ARG B 410 -20.23 -12.14 23.69
C ARG B 410 -20.45 -13.33 22.77
N PRO B 411 -20.27 -14.56 23.29
CA PRO B 411 -20.61 -15.73 22.48
C PRO B 411 -22.04 -15.68 21.92
N SER B 412 -22.96 -15.07 22.68
CA SER B 412 -24.36 -14.96 22.27
C SER B 412 -24.65 -13.85 21.28
N PHE B 413 -23.67 -13.00 20.98
CA PHE B 413 -23.93 -11.90 20.06
C PHE B 413 -24.25 -12.40 18.66
N ARG B 414 -25.24 -11.75 18.02
CA ARG B 414 -25.68 -12.18 16.69
C ARG B 414 -25.56 -11.03 15.70
N ASN B 415 -24.65 -11.19 14.73
CA ASN B 415 -24.60 -10.34 13.54
C ASN B 415 -25.41 -11.01 12.44
N TRP B 416 -25.76 -10.26 11.41
CA TRP B 416 -26.46 -10.84 10.29
C TRP B 416 -26.25 -9.97 9.07
N ASP B 417 -26.35 -10.57 7.90
CA ASP B 417 -26.31 -9.78 6.69
C ASP B 417 -26.91 -10.55 5.54
N HIS B 418 -27.15 -9.88 4.42
CA HIS B 418 -27.61 -10.58 3.24
C HIS B 418 -26.51 -11.53 2.77
N PRO B 419 -26.86 -12.72 2.24
CA PRO B 419 -25.84 -13.69 1.88
C PRO B 419 -24.92 -13.22 0.74
N ILE B 420 -25.33 -12.22 -0.03
CA ILE B 420 -24.52 -11.71 -1.13
C ILE B 420 -23.44 -10.69 -0.67
N ARG B 421 -23.41 -10.37 0.62
CA ARG B 421 -22.47 -9.35 1.10
C ARG B 421 -21.14 -9.97 1.45
N ARG B 422 -20.05 -9.34 1.03
CA ARG B 422 -18.74 -9.82 1.45
C ARG B 422 -17.73 -8.69 1.71
N GLN B 423 -18.21 -7.44 1.77
CA GLN B 423 -17.34 -6.33 2.18
C GLN B 423 -17.18 -6.34 3.68
N ILE B 424 -18.08 -7.05 4.35
CA ILE B 424 -17.97 -7.34 5.76
C ILE B 424 -16.75 -8.26 6.02
N PHE B 425 -16.24 -8.21 7.25
CA PHE B 425 -15.02 -8.94 7.61
C PHE B 425 -15.37 -10.35 8.00
N ALA B 426 -15.76 -11.13 6.98
CA ALA B 426 -16.38 -12.44 7.21
C ALA B 426 -15.61 -13.56 6.57
N GLY B 427 -15.56 -14.67 7.28
CA GLY B 427 -14.91 -15.88 6.81
C GLY B 427 -15.74 -17.12 7.14
N VAL B 428 -15.04 -18.24 7.33
CA VAL B 428 -15.68 -19.55 7.33
C VAL B 428 -15.09 -20.48 8.34
N ARG B 429 -15.97 -21.11 9.13
CA ARG B 429 -15.59 -22.27 9.93
C ARG B 429 -16.50 -23.44 9.54
N LEU B 430 -15.90 -24.62 9.39
CA LEU B 430 -16.67 -25.79 8.97
C LEU B 430 -17.33 -26.51 10.11
N ALA B 431 -18.34 -27.30 9.75
CA ALA B 431 -18.96 -28.24 10.67
C ALA B 431 -19.18 -29.56 9.92
N TRP B 432 -19.25 -30.65 10.66
CA TRP B 432 -19.53 -31.98 10.10
C TRP B 432 -20.58 -32.71 10.94
N ASP B 433 -21.48 -33.43 10.29
CA ASP B 433 -22.33 -34.39 11.01
C ASP B 433 -21.51 -35.51 11.64
N VAL B 434 -22.03 -36.13 12.70
CA VAL B 434 -21.39 -37.30 13.28
C VAL B 434 -22.27 -38.52 13.02
CAA AVJ C . 21.16 2.88 -16.73
CAB AVJ C . 19.21 4.26 -16.91
CAC AVJ C . 20.84 4.16 -18.64
OAH AVJ C . 18.71 2.39 -20.55
OAL AVJ C . 17.41 3.33 -19.05
CAM AVJ C . 16.67 -0.14 -18.12
CAP AVJ C . 18.67 1.34 -17.26
NAR AVJ C . 18.75 -0.74 -18.76
NAT AVJ C . 16.60 -1.26 -18.92
CAX AVJ C . 18.46 2.69 -19.34
CAY AVJ C . 18.02 0.16 -18.03
CAZ AVJ C . 17.84 -1.64 -19.32
CBC AVJ C . 19.41 2.22 -18.28
NBE AVJ C . 20.13 3.37 -17.66
HAA AVJ C . 21.82 2.34 -17.23
HAAA AVJ C . 20.75 2.32 -16.04
HAAB AVJ C . 21.61 3.65 -16.31
HAB AVJ C . 18.97 3.85 -16.05
HABA AVJ C . 19.66 5.13 -16.74
HABB AVJ C . 18.39 4.41 -17.43
HAC AVJ C . 21.64 3.66 -18.95
HACA AVJ C . 21.11 5.00 -18.24
HACB AVJ C . 20.25 4.33 -19.41
HAM AVJ C . 15.93 0.35 -17.70
HAP AVJ C . 17.97 1.87 -16.82
HAPA AVJ C . 19.30 0.99 -16.61
HNAR AVJ C . 19.66 -0.75 -18.86
HAZ AVJ C . 18.07 -2.41 -19.89
HBC AVJ C . 20.07 1.66 -18.71
C1 GOL D . 5.84 8.75 -9.65
O1 GOL D . 6.71 7.86 -9.01
C2 GOL D . 4.41 8.27 -9.45
O2 GOL D . 4.08 8.21 -8.08
C3 GOL D . 3.45 9.25 -10.14
O3 GOL D . 2.15 8.70 -10.07
H11 GOL D . 6.08 8.79 -10.72
H12 GOL D . 5.96 9.74 -9.24
HO1 GOL D . 7.64 8.11 -9.19
H2 GOL D . 4.28 7.30 -9.91
HO2 GOL D . 4.15 9.10 -7.67
H31 GOL D . 3.48 10.21 -9.65
H32 GOL D . 3.73 9.38 -11.18
HO3 GOL D . 2.05 8.20 -9.23
C1 GOL E . 38.07 26.94 -5.55
O1 GOL E . 39.36 26.61 -5.12
C2 GOL E . 37.15 27.03 -4.37
O2 GOL E . 37.56 28.16 -3.57
C3 GOL E . 35.72 27.27 -4.81
O3 GOL E . 34.85 27.29 -3.68
H11 GOL E . 37.71 26.19 -6.26
H12 GOL E . 38.10 27.90 -6.06
HO1 GOL E . 39.95 26.50 -5.89
H2 GOL E . 37.20 26.10 -3.79
HO2 GOL E . 37.49 28.98 -4.10
H31 GOL E . 35.41 26.47 -5.49
H32 GOL E . 35.65 28.22 -5.34
HO3 GOL E . 34.71 28.22 -3.41
C1 GOL F . 38.71 2.47 -14.37
O1 GOL F . 38.97 2.87 -15.71
C2 GOL F . 39.37 3.45 -13.40
O2 GOL F . 39.08 4.78 -13.77
C3 GOL F . 38.92 3.17 -12.00
O3 GOL F . 39.46 1.97 -11.50
H11 GOL F . 39.11 1.48 -14.21
H12 GOL F . 37.63 2.46 -14.20
HO1 GOL F . 38.60 2.20 -16.32
H2 GOL F . 40.45 3.29 -13.45
HO2 GOL F . 38.12 4.94 -13.70
H31 GOL F . 37.83 3.10 -11.98
H32 GOL F . 39.22 4.00 -11.35
HO3 GOL F . 40.23 2.17 -10.93
C1 GOL G . 17.80 7.67 -21.68
O1 GOL G . 17.96 8.96 -22.26
C2 GOL G . 16.69 7.82 -20.65
O2 GOL G . 15.43 8.08 -21.29
C3 GOL G . 16.67 6.59 -19.73
O3 GOL G . 16.53 7.02 -18.37
H11 GOL G . 17.52 6.95 -22.45
H12 GOL G . 18.72 7.35 -21.21
HO1 GOL G . 18.71 8.94 -22.89
H2 GOL G . 16.93 8.68 -20.03
HO2 GOL G . 15.17 7.29 -21.83
H31 GOL G . 15.85 5.94 -19.99
H32 GOL G . 17.61 6.05 -19.83
HO3 GOL G . 17.34 7.47 -18.08
C1 GOL H . 17.43 -7.44 -22.42
O1 GOL H . 17.06 -8.80 -22.53
C2 GOL H . 17.33 -6.77 -23.78
O2 GOL H . 18.59 -6.90 -24.38
C3 GOL H . 17.02 -5.29 -23.62
O3 GOL H . 15.77 -4.94 -24.15
H11 GOL H . 18.44 -7.37 -22.05
H12 GOL H . 16.76 -6.93 -21.72
HO1 GOL H . 17.18 -9.25 -21.66
H2 GOL H . 16.55 -7.25 -24.38
HO2 GOL H . 18.58 -6.46 -25.26
H31 GOL H . 17.03 -5.04 -22.56
H32 GOL H . 17.79 -4.70 -24.12
HO3 GOL H . 15.45 -4.10 -23.74
C1 GOL I . 19.10 0.36 -24.07
O1 GOL I . 19.56 -0.84 -23.45
C2 GOL I . 19.29 0.33 -25.58
O2 GOL I . 19.69 -0.96 -25.96
C3 GOL I . 20.31 1.39 -25.97
O3 GOL I . 20.85 1.19 -27.26
H11 GOL I . 18.04 0.49 -23.84
H12 GOL I . 19.64 1.20 -23.66
HO1 GOL I . 19.48 -0.76 -22.47
H2 GOL I . 18.34 0.57 -26.06
HO2 GOL I . 19.82 -0.98 -26.95
H31 GOL I . 21.11 1.39 -25.25
H32 GOL I . 19.84 2.36 -25.94
HO3 GOL I . 21.50 0.45 -27.23
C1 GOL J . 14.78 20.92 -26.72
O1 GOL J . 14.84 21.83 -25.65
C2 GOL J . 16.19 20.40 -26.90
O2 GOL J . 16.45 19.97 -28.21
C3 GOL J . 16.22 19.22 -25.96
O3 GOL J . 17.48 18.88 -25.73
H11 GOL J . 14.45 21.42 -27.62
H12 GOL J . 14.10 20.10 -26.49
HO1 GOL J . 13.95 22.25 -25.54
H2 GOL J . 16.91 21.14 -26.57
HO2 GOL J . 17.33 19.54 -28.24
H31 GOL J . 15.73 19.49 -25.02
H32 GOL J . 15.68 18.39 -26.40
C1 GOL K . 21.59 -17.28 -19.23
O1 GOL K . 21.44 -18.38 -20.13
C2 GOL K . 22.47 -16.30 -19.97
O2 GOL K . 23.80 -16.77 -19.84
C3 GOL K . 22.33 -14.87 -19.47
O3 GOL K . 23.29 -14.62 -18.46
H11 GOL K . 22.07 -17.61 -18.31
H12 GOL K . 20.63 -16.83 -19.00
HO1 GOL K . 20.93 -19.08 -19.69
H2 GOL K . 22.19 -16.32 -21.02
HO2 GOL K . 24.40 -16.18 -20.34
H31 GOL K . 22.48 -14.17 -20.29
H32 GOL K . 21.33 -14.71 -19.06
HO3 GOL K . 22.89 -14.06 -17.76
CL CL L . 14.28 2.03 -22.96
CL CL M . 25.98 11.79 -28.26
CL CL N . 22.04 3.69 -25.43
CL CL O . 16.33 2.50 -25.54
CL CL P . 31.76 3.49 -29.42
FE FE Q . 14.86 -2.20 -19.63
CA CA R . 22.18 13.73 -6.64
MG MG S . 29.30 20.21 8.32
CAA AVJ T . -26.20 -5.67 10.97
CAB AVJ T . -26.13 -5.85 13.29
CAC AVJ T . -24.27 -4.94 12.08
OAH AVJ T . -24.89 -2.42 10.73
OAL AVJ T . -27.01 -2.56 10.20
CAM AVJ T . -26.08 -0.28 13.49
CAP AVJ T . -25.85 -2.86 13.42
NAR AVJ T . -28.01 -1.44 13.58
NAT AVJ T . -27.14 0.63 13.56
CAX AVJ T . -26.06 -2.84 10.99
CAY AVJ T . -26.63 -1.53 13.49
CAZ AVJ T . -28.31 -0.09 13.61
CBC AVJ T . -26.33 -3.67 12.22
NBE AVJ T . -25.72 -4.99 12.16
HAA AVJ T . -27.17 -5.72 10.98
HAAA AVJ T . -25.91 -5.17 10.18
HAAB AVJ T . -25.82 -6.59 10.94
HAB AVJ T . -25.52 -6.63 13.34
HABA AVJ T . -27.05 -6.16 13.16
HABB AVJ T . -26.07 -5.34 14.13
HAC AVJ T . -23.90 -5.86 12.24
HACA AVJ T . -24.02 -4.65 11.19
HACB AVJ T . -23.93 -4.33 12.75
HAM AVJ T . -25.13 -0.06 13.43
HAP AVJ T . -24.90 -2.67 13.32
HAPA AVJ T . -26.01 -3.37 14.24
HNAR AVJ T . -28.60 -2.14 13.58
HAZ AVJ T . -29.20 0.29 13.67
HBC AVJ T . -27.30 -3.78 12.30
C1 GOL U . -35.37 -20.54 17.51
O1 GOL U . -36.08 -20.61 16.30
C2 GOL U . -34.67 -21.86 17.74
O2 GOL U . -33.98 -22.20 16.55
C3 GOL U . -33.69 -21.79 18.92
O3 GOL U . -34.42 -21.70 20.13
H11 GOL U . -36.05 -20.33 18.34
H12 GOL U . -34.62 -19.73 17.46
HO1 GOL U . -36.58 -19.78 16.17
H2 GOL U . -35.42 -22.62 17.95
HO2 GOL U . -33.31 -21.52 16.36
H31 GOL U . -33.05 -20.91 18.80
H32 GOL U . -33.06 -22.67 18.93
HO3 GOL U . -34.25 -22.50 20.66
C1 GOL V . -2.34 -18.57 -0.23
O1 GOL V . -1.57 -19.73 -0.04
C2 GOL V . -2.53 -18.38 -1.73
O2 GOL V . -1.36 -17.92 -2.34
C3 GOL V . -3.66 -17.39 -1.99
O3 GOL V . -3.69 -17.18 -3.38
H11 GOL V . -1.81 -17.71 0.19
H12 GOL V . -3.30 -18.66 0.27
HO1 GOL V . -1.38 -19.84 0.92
H2 GOL V . -2.82 -19.35 -2.15
HO2 GOL V . -1.50 -17.81 -3.30
H31 GOL V . -3.46 -16.45 -1.47
H32 GOL V . -4.61 -17.79 -1.65
HO3 GOL V . -3.32 -16.29 -3.58
C1 GOL W . -9.96 1.44 13.78
O1 GOL W . -10.59 0.90 14.90
C2 GOL W . -9.34 2.80 14.09
O2 GOL W . -8.45 2.68 15.19
C3 GOL W . -8.55 3.32 12.90
O3 GOL W . -8.09 4.62 13.18
H11 GOL W . -9.18 0.76 13.43
H12 GOL W . -10.68 1.56 12.97
HO1 GOL W . -11.04 0.05 14.66
H2 GOL W . -10.13 3.51 14.33
HO2 GOL W . -7.73 2.07 14.95
H31 GOL W . -7.71 2.67 12.70
H32 GOL W . -9.19 3.34 12.02
HO3 GOL W . -7.12 4.61 13.26
C1 GOL X . -17.37 -7.46 -5.80
O1 GOL X . -16.23 -8.28 -5.52
C2 GOL X . -18.69 -8.23 -5.96
O2 GOL X . -18.83 -9.16 -7.04
C3 GOL X . -18.74 -9.27 -4.93
O3 GOL X . -18.82 -8.43 -3.85
H11 GOL X . -17.48 -6.73 -4.99
H12 GOL X . -17.17 -6.90 -6.72
HO1 GOL X . -15.42 -7.71 -5.49
H2 GOL X . -19.55 -7.56 -5.88
HO2 GOL X . -18.08 -9.81 -7.00
H31 GOL X . -17.83 -9.87 -4.92
H32 GOL X . -19.63 -9.90 -5.03
CL CL Y . -26.21 2.13 8.11
CL CL Z . -29.62 -11.34 -0.57
FE FE AA . -27.19 2.73 13.28
CA CA BA . -14.70 -15.18 15.02
MG MG CA . 1.84 -15.54 -2.49
#